data_4WID
#
_entry.id   4WID
#
_cell.length_a   56.489
_cell.length_b   56.489
_cell.length_c   276.907
_cell.angle_alpha   90.00
_cell.angle_beta   90.00
_cell.angle_gamma   90.00
#
_symmetry.space_group_name_H-M   'P 43'
#
loop_
_entity.id
_entity.type
_entity.pdbx_description
1 polymer RhUL123
2 polymer RhUL123
3 non-polymer 2-AMINO-2-HYDROXYMETHYL-PROPANE-1,3-DIOL
4 non-polymer 1,2-ETHANEDIOL
5 water water
#
loop_
_entity_poly.entity_id
_entity_poly.type
_entity_poly.pdbx_seq_one_letter_code
_entity_poly.pdbx_strand_id
1 'polypeptide(L)'
;GPLGSKQARKDMALQHAVDLLEKMLADEEK(MLZ)LTEFNLGDPLFESANDDPIKTLEEIIQEGDDVVGAHQLVVTQIKL
RVQRNRRLADEIIREQLTDIRKVFSDKFEKLEQGIQNSYLLLDKLKTPFQDMRCLFEVANEQFNDTPVPPQYKE(MLY)F
MVCLKQIVQYAVNSSS(MLY)LEKFVML(MLZ)I(MLY)TKKDDIKDRVTYTCMKYLLMAMQGTGGPKAINNEEHAKLFF
(MLZ)QLSNYDDLTDANHDGLELIKKLDKEQKEVAFHVNNFTHLVTTLGMALYKEGHQKNDEAMLGMHTPITMLSDQVRV
LILYLIDEIVHAIHTNSNQSNDELIDGLKPKVRIVINEFHATLMMGIDKMKFYSLNELREIVNDKINED
;
A
2 'polypeptide(L)'
;GPLGSKQARKDMALQHAVDLLEKMLADEEKKLTEFNLGDPLFESANDDPIKTLEEIIQEGDDVVGAHQLVVTQIKLRVQR
NRRLADEIIREQLTDIRKVFSDKFEKLEQGIQNSYLLLDKLKTPFQDMRCLFEVANEQFNDTPVPPQY(MLY)EKFMVCL
KQIVQYAVNSSSKLEKFVMLKIKTKKDDIKDRVTYTCM(MLY)YLLMAMQGTGGPKAINNEEHA(MLZ)LFFKQLSNYDD
LTDANHDGLELIKKLDKEQKEVAFHVNNFTHLVTTLGMALYKEGHQKNDEAMLGMHTPITMLSDQVRVLILYLIDEIVHA
IHTNSNQSNDELIDGL(MLY)PKVRIVINEFHATLMMGIDKMKFYSLNELREIVNDKINED
;
B
#
loop_
_chem_comp.id
_chem_comp.type
_chem_comp.name
_chem_comp.formula
EDO non-polymer 1,2-ETHANEDIOL 'C2 H6 O2'
TRS non-polymer 2-AMINO-2-HYDROXYMETHYL-PROPANE-1,3-DIOL 'C4 H12 N O3 1'
#
# COMPACT_ATOMS: atom_id res chain seq x y z
N LYS A 10 -3.74 19.37 17.99
CA LYS A 10 -2.39 19.42 18.54
C LYS A 10 -1.36 19.27 17.43
N ASP A 11 -0.08 19.18 17.79
CA ASP A 11 0.99 19.32 16.80
C ASP A 11 1.54 18.01 16.22
N MET A 12 0.97 16.86 16.59
CA MET A 12 1.36 15.59 15.95
C MET A 12 0.82 15.57 14.53
N ALA A 13 1.67 15.20 13.58
CA ALA A 13 1.21 15.01 12.21
C ALA A 13 -0.01 14.09 12.18
N LEU A 14 0.05 12.98 12.91
CA LEU A 14 -1.07 12.03 12.97
C LEU A 14 -2.02 12.28 14.13
N GLN A 15 -2.17 13.54 14.55
CA GLN A 15 -2.96 13.84 15.74
C GLN A 15 -4.40 13.30 15.62
N HIS A 16 -4.97 13.35 14.42
CA HIS A 16 -6.35 12.94 14.22
C HIS A 16 -6.53 11.43 14.44
N ALA A 17 -5.53 10.66 14.04
CA ALA A 17 -5.49 9.21 14.23
C ALA A 17 -5.47 8.87 15.72
N VAL A 18 -4.53 9.49 16.43
CA VAL A 18 -4.36 9.32 17.87
C VAL A 18 -5.61 9.73 18.63
N ASP A 19 -6.27 10.80 18.18
CA ASP A 19 -7.52 11.22 18.83
C ASP A 19 -8.60 10.18 18.63
N LEU A 20 -8.76 9.71 17.40
CA LEU A 20 -9.79 8.72 17.09
C LEU A 20 -9.55 7.42 17.85
N LEU A 21 -8.29 7.02 18.03
CA LEU A 21 -7.98 5.83 18.81
C LEU A 21 -8.47 5.94 20.24
N GLU A 22 -8.30 7.14 20.79
CA GLU A 22 -8.71 7.38 22.15
C GLU A 22 -10.23 7.31 22.29
N LYS A 23 -10.92 7.96 21.37
CA LYS A 23 -12.37 8.05 21.43
C LYS A 23 -13.02 6.68 21.33
N MET A 24 -12.55 5.87 20.39
CA MET A 24 -13.15 4.58 20.09
C MET A 24 -12.95 3.63 21.26
N LEU A 25 -11.75 3.64 21.83
CA LEU A 25 -11.46 2.77 22.95
C LEU A 25 -12.32 3.16 24.15
N ALA A 26 -12.43 4.47 24.38
CA ALA A 26 -13.21 4.96 25.52
C ALA A 26 -14.67 4.52 25.39
N ASP A 27 -15.25 4.74 24.21
CA ASP A 27 -16.62 4.34 23.93
C ASP A 27 -16.80 2.83 24.12
N GLU A 28 -15.86 2.07 23.59
CA GLU A 28 -15.91 0.62 23.66
C GLU A 28 -15.77 0.16 25.10
N GLU A 29 -14.84 0.74 25.84
CA GLU A 29 -14.63 0.38 27.25
C GLU A 29 -15.90 0.63 28.04
N LYS A 30 -16.69 1.59 27.59
CA LYS A 30 -17.95 1.94 28.24
C LYS A 30 -18.99 0.87 27.96
N MLZ A 31 -19.00 0.36 26.73
CA MLZ A 31 -19.99 -0.62 26.33
CB MLZ A 31 -19.98 -0.84 24.81
CG MLZ A 31 -20.78 0.23 24.06
CD MLZ A 31 -20.69 -0.02 22.55
CE MLZ A 31 -20.85 1.28 21.75
NZ MLZ A 31 -20.50 1.11 20.35
CM MLZ A 31 -21.01 2.06 19.37
C MLZ A 31 -19.78 -1.94 27.00
O MLZ A 31 -20.70 -2.80 26.96
N LEU A 32 -18.63 -2.16 27.63
CA LEU A 32 -18.35 -3.45 28.26
C LEU A 32 -19.07 -3.62 29.59
N THR A 33 -19.30 -2.51 30.28
CA THR A 33 -19.90 -2.54 31.62
C THR A 33 -21.41 -2.37 31.56
N GLU A 34 -21.93 -2.02 30.39
CA GLU A 34 -23.37 -1.89 30.22
C GLU A 34 -24.09 -3.20 30.51
N PHE A 35 -25.37 -3.07 30.83
CA PHE A 35 -26.25 -4.21 31.02
C PHE A 35 -27.00 -4.50 29.74
N ASN A 36 -26.95 -5.77 29.32
CA ASN A 36 -27.70 -6.18 28.14
C ASN A 36 -28.69 -7.29 28.51
N LEU A 37 -29.73 -7.43 27.69
CA LEU A 37 -30.81 -8.36 27.99
C LEU A 37 -30.35 -9.79 28.26
N GLY A 38 -30.96 -10.41 29.26
CA GLY A 38 -30.65 -11.77 29.62
C GLY A 38 -29.59 -11.89 30.69
N ASP A 39 -28.84 -10.81 30.91
CA ASP A 39 -27.89 -10.75 32.01
C ASP A 39 -28.66 -10.85 33.33
N PRO A 40 -28.15 -11.69 34.25
CA PRO A 40 -28.76 -11.82 35.58
C PRO A 40 -28.63 -10.53 36.36
N LEU A 41 -29.55 -10.28 37.29
CA LEU A 41 -29.48 -9.09 38.12
C LEU A 41 -28.13 -9.02 38.82
N PHE A 42 -27.72 -10.14 39.40
CA PHE A 42 -26.43 -10.26 40.08
C PHE A 42 -25.59 -11.38 39.45
N GLU A 43 -24.34 -11.08 39.15
CA GLU A 43 -23.38 -12.11 38.76
C GLU A 43 -22.93 -12.85 40.02
N SER A 44 -22.75 -14.16 39.92
CA SER A 44 -22.36 -14.94 41.09
C SER A 44 -20.88 -14.76 41.38
N ALA A 45 -20.58 -14.32 42.60
CA ALA A 45 -19.21 -14.30 43.10
C ALA A 45 -19.12 -15.17 44.35
N ASN A 46 -19.24 -16.48 44.15
CA ASN A 46 -19.19 -17.43 45.26
C ASN A 46 -17.76 -17.68 45.73
N ASP A 47 -17.56 -17.57 47.04
CA ASP A 47 -16.23 -17.66 47.65
C ASP A 47 -15.53 -18.99 47.42
N ASP A 48 -16.21 -20.07 47.81
CA ASP A 48 -15.66 -21.43 47.91
C ASP A 48 -14.70 -21.84 46.78
N PRO A 49 -13.62 -22.56 47.13
CA PRO A 49 -12.57 -22.90 46.19
C PRO A 49 -12.98 -23.99 45.20
N ILE A 50 -12.45 -23.90 43.98
CA ILE A 50 -12.66 -24.93 42.97
C ILE A 50 -11.82 -26.16 43.30
N LYS A 51 -12.44 -27.34 43.28
CA LYS A 51 -11.72 -28.58 43.57
C LYS A 51 -11.42 -29.33 42.27
N THR A 52 -10.29 -30.02 42.21
CA THR A 52 -9.93 -30.74 40.99
C THR A 52 -10.84 -31.97 40.86
N LEU A 53 -10.83 -32.56 39.68
CA LEU A 53 -11.67 -33.72 39.39
C LEU A 53 -11.35 -34.83 40.38
N GLU A 54 -10.05 -35.03 40.64
CA GLU A 54 -9.59 -36.00 41.63
C GLU A 54 -10.26 -35.79 42.98
N GLU A 55 -10.18 -34.58 43.50
CA GLU A 55 -10.71 -34.27 44.82
C GLU A 55 -12.20 -34.54 44.92
N ILE A 56 -12.92 -34.17 43.87
CA ILE A 56 -14.35 -34.41 43.77
C ILE A 56 -14.65 -35.91 43.75
N ILE A 57 -13.83 -36.66 43.02
CA ILE A 57 -13.98 -38.11 42.95
C ILE A 57 -13.70 -38.75 44.32
N GLN A 58 -12.66 -38.29 45.00
CA GLN A 58 -12.27 -38.86 46.29
C GLN A 58 -13.25 -38.51 47.42
N GLU A 59 -13.97 -37.41 47.27
CA GLU A 59 -14.86 -36.92 48.33
C GLU A 59 -16.30 -37.41 48.17
N GLY A 60 -16.65 -37.85 46.97
CA GLY A 60 -18.02 -38.26 46.72
C GLY A 60 -18.23 -39.72 47.08
N ASP A 61 -18.30 -40.01 48.37
CA ASP A 61 -18.55 -41.38 48.83
C ASP A 61 -19.95 -41.82 48.43
N ASP A 62 -20.93 -41.01 48.80
CA ASP A 62 -22.32 -41.29 48.51
C ASP A 62 -22.81 -40.54 47.28
N VAL A 63 -23.90 -41.04 46.72
CA VAL A 63 -24.46 -40.53 45.48
C VAL A 63 -25.12 -39.16 45.69
N VAL A 64 -25.46 -38.84 46.93
CA VAL A 64 -26.12 -37.58 47.26
C VAL A 64 -25.10 -36.51 47.64
N GLY A 65 -24.02 -36.94 48.29
CA GLY A 65 -22.95 -36.04 48.65
C GLY A 65 -22.17 -35.68 47.41
N ALA A 66 -22.11 -36.62 46.48
CA ALA A 66 -21.45 -36.37 45.19
C ALA A 66 -22.22 -35.31 44.42
N HIS A 67 -23.54 -35.44 44.42
CA HIS A 67 -24.40 -34.53 43.69
C HIS A 67 -24.28 -33.09 44.17
N GLN A 68 -24.28 -32.93 45.49
CA GLN A 68 -24.07 -31.63 46.13
C GLN A 68 -22.78 -30.99 45.61
N LEU A 69 -21.72 -31.79 45.67
CA LEU A 69 -20.39 -31.41 45.25
C LEU A 69 -20.32 -31.08 43.74
N VAL A 70 -20.99 -31.87 42.91
CA VAL A 70 -20.89 -31.70 41.47
C VAL A 70 -21.59 -30.42 41.01
N VAL A 71 -22.81 -30.20 41.49
CA VAL A 71 -23.59 -28.99 41.12
C VAL A 71 -22.84 -27.71 41.45
N THR A 72 -22.45 -27.55 42.71
CA THR A 72 -21.72 -26.37 43.13
C THR A 72 -20.38 -26.18 42.39
N GLN A 73 -19.67 -27.28 42.13
CA GLN A 73 -18.39 -27.17 41.43
C GLN A 73 -18.56 -26.80 39.95
N ILE A 74 -19.69 -27.13 39.36
CA ILE A 74 -19.99 -26.67 38.01
C ILE A 74 -20.21 -25.15 38.02
N LYS A 75 -21.03 -24.70 38.96
CA LYS A 75 -21.36 -23.29 39.09
C LYS A 75 -20.12 -22.43 39.36
N LEU A 76 -19.24 -22.90 40.23
CA LEU A 76 -18.00 -22.18 40.48
C LEU A 76 -17.17 -22.06 39.19
N ARG A 77 -17.23 -23.10 38.37
CA ARG A 77 -16.39 -23.21 37.17
C ARG A 77 -16.95 -22.36 36.02
N VAL A 78 -18.26 -22.39 35.84
CA VAL A 78 -18.94 -21.50 34.90
C VAL A 78 -18.56 -20.05 35.22
N GLN A 79 -18.53 -19.74 36.52
CA GLN A 79 -18.13 -18.42 37.02
C GLN A 79 -16.69 -18.09 36.64
N ARG A 80 -15.76 -18.96 37.04
CA ARG A 80 -14.36 -18.82 36.66
C ARG A 80 -14.16 -18.60 35.14
N ASN A 81 -14.80 -19.43 34.34
CA ASN A 81 -14.65 -19.40 32.87
C ASN A 81 -15.19 -18.12 32.26
N ARG A 82 -16.33 -17.67 32.76
CA ARG A 82 -16.92 -16.46 32.22
C ARG A 82 -16.02 -15.26 32.59
N ARG A 83 -15.47 -15.27 33.80
CA ARG A 83 -14.57 -14.19 34.22
C ARG A 83 -13.37 -14.10 33.30
N LEU A 84 -12.75 -15.23 33.04
CA LEU A 84 -11.60 -15.25 32.15
C LEU A 84 -11.99 -14.83 30.73
N ALA A 85 -13.21 -15.15 30.32
CA ALA A 85 -13.68 -14.75 28.99
C ALA A 85 -13.87 -13.24 28.96
N ASP A 86 -14.43 -12.69 30.03
CA ASP A 86 -14.63 -11.24 30.11
C ASP A 86 -13.29 -10.52 30.10
N GLU A 87 -12.33 -11.04 30.86
CA GLU A 87 -10.98 -10.50 30.88
C GLU A 87 -10.44 -10.42 29.45
N ILE A 88 -10.61 -11.50 28.70
CA ILE A 88 -10.10 -11.57 27.32
C ILE A 88 -10.81 -10.55 26.41
N ILE A 89 -12.10 -10.31 26.63
CA ILE A 89 -12.79 -9.28 25.86
C ILE A 89 -12.14 -7.91 26.09
N ARG A 90 -11.87 -7.61 27.36
CA ARG A 90 -11.22 -6.37 27.76
C ARG A 90 -9.80 -6.24 27.20
N GLU A 91 -9.08 -7.35 27.10
CA GLU A 91 -7.71 -7.28 26.60
C GLU A 91 -7.64 -7.03 25.10
N GLN A 92 -8.74 -7.25 24.41
CA GLN A 92 -8.82 -6.91 22.99
C GLN A 92 -8.59 -5.40 22.84
N LEU A 93 -9.20 -4.64 23.74
CA LEU A 93 -9.11 -3.19 23.70
C LEU A 93 -7.73 -2.73 24.14
N THR A 94 -7.21 -3.38 25.19
CA THR A 94 -5.87 -3.12 25.65
C THR A 94 -4.85 -3.43 24.56
N ASP A 95 -5.06 -4.51 23.79
CA ASP A 95 -4.13 -4.91 22.73
C ASP A 95 -4.20 -3.93 21.58
N ILE A 96 -5.40 -3.42 21.31
CA ILE A 96 -5.56 -2.46 20.23
C ILE A 96 -4.81 -1.17 20.58
N ARG A 97 -4.98 -0.69 21.80
CA ARG A 97 -4.23 0.47 22.28
C ARG A 97 -2.73 0.28 22.10
N LYS A 98 -2.21 -0.84 22.61
CA LYS A 98 -0.79 -1.14 22.49
C LYS A 98 -0.28 -1.15 21.05
N VAL A 99 -0.94 -1.93 20.20
CA VAL A 99 -0.46 -2.12 18.84
C VAL A 99 -0.59 -0.82 18.05
N PHE A 100 -1.74 -0.16 18.10
CA PHE A 100 -1.90 1.06 17.29
C PHE A 100 -1.15 2.28 17.85
N SER A 101 -1.00 2.39 19.17
CA SER A 101 -0.18 3.49 19.71
C SER A 101 1.27 3.38 19.26
N ASP A 102 1.78 2.15 19.29
CA ASP A 102 3.16 1.90 18.94
C ASP A 102 3.37 2.17 17.47
N LYS A 103 2.42 1.70 16.64
CA LYS A 103 2.50 1.92 15.20
C LYS A 103 2.36 3.41 14.83
N PHE A 104 1.49 4.15 15.52
CA PHE A 104 1.33 5.57 15.24
C PHE A 104 2.59 6.34 15.60
N GLU A 105 3.20 5.99 16.73
CA GLU A 105 4.44 6.64 17.16
C GLU A 105 5.55 6.44 16.15
N LYS A 106 5.70 5.20 15.68
CA LYS A 106 6.71 4.91 14.68
C LYS A 106 6.42 5.65 13.38
N LEU A 107 5.16 5.58 12.94
CA LEU A 107 4.71 6.27 11.73
C LEU A 107 4.96 7.78 11.80
N GLU A 108 4.74 8.35 12.98
CA GLU A 108 4.90 9.78 13.20
C GLU A 108 6.38 10.19 13.10
N GLN A 109 7.24 9.38 13.73
CA GLN A 109 8.68 9.63 13.71
C GLN A 109 9.21 9.52 12.30
N GLY A 110 8.63 8.62 11.53
CA GLY A 110 8.95 8.50 10.12
C GLY A 110 8.38 9.59 9.21
N ILE A 111 7.25 10.17 9.59
CA ILE A 111 6.69 11.22 8.75
C ILE A 111 7.58 12.45 8.91
N GLN A 112 7.97 12.73 10.14
CA GLN A 112 8.88 13.81 10.47
C GLN A 112 10.20 13.76 9.68
N ASN A 113 10.71 12.56 9.45
CA ASN A 113 11.94 12.41 8.65
C ASN A 113 11.67 12.68 7.20
N SER A 114 10.51 12.26 6.73
CA SER A 114 10.14 12.49 5.35
C SER A 114 10.00 13.99 5.07
N TYR A 115 9.44 14.72 6.04
CA TYR A 115 9.35 16.16 5.95
C TYR A 115 10.71 16.79 5.71
N LEU A 116 11.71 16.38 6.50
CA LEU A 116 13.07 16.86 6.35
C LEU A 116 13.58 16.57 4.95
N LEU A 117 13.58 15.29 4.60
CA LEU A 117 14.02 14.82 3.30
C LEU A 117 13.41 15.65 2.18
N LEU A 118 12.11 15.87 2.27
CA LEU A 118 11.42 16.63 1.25
C LEU A 118 11.95 18.06 1.22
N ASP A 119 12.22 18.65 2.38
CA ASP A 119 12.69 20.04 2.40
C ASP A 119 14.11 20.21 1.84
N LYS A 120 14.92 19.17 1.90
CA LYS A 120 16.28 19.22 1.34
C LYS A 120 16.25 19.38 -0.18
N LEU A 121 15.11 19.10 -0.78
CA LEU A 121 14.99 19.18 -2.21
C LEU A 121 14.93 20.64 -2.72
N LYS A 122 14.76 21.60 -1.82
CA LYS A 122 14.55 22.97 -2.27
C LYS A 122 15.84 23.78 -2.31
N THR A 123 16.83 23.35 -1.56
CA THR A 123 18.06 24.11 -1.38
C THR A 123 18.73 24.62 -2.67
N PRO A 124 18.82 23.78 -3.74
CA PRO A 124 19.43 24.32 -4.97
C PRO A 124 18.64 25.47 -5.59
N PHE A 125 17.36 25.56 -5.21
CA PHE A 125 16.45 26.49 -5.84
C PHE A 125 16.21 27.69 -4.97
N GLN A 126 16.93 27.78 -3.85
CA GLN A 126 16.75 28.89 -2.93
C GLN A 126 17.28 30.17 -3.57
N ASP A 127 16.41 31.18 -3.68
CA ASP A 127 16.71 32.41 -4.42
C ASP A 127 17.21 32.08 -5.83
N MET A 128 16.78 30.92 -6.34
CA MET A 128 17.19 30.38 -7.64
C MET A 128 18.70 30.47 -7.87
N ARG A 129 19.45 30.18 -6.81
CA ARG A 129 20.91 30.30 -6.79
C ARG A 129 21.57 29.37 -7.81
N CYS A 130 20.89 28.29 -8.17
CA CYS A 130 21.43 27.38 -9.17
C CYS A 130 21.69 28.02 -10.54
N LEU A 131 20.94 29.07 -10.89
CA LEU A 131 21.15 29.79 -12.15
C LEU A 131 22.57 30.36 -12.19
N PHE A 132 22.98 31.04 -11.12
CA PHE A 132 24.35 31.52 -10.99
C PHE A 132 25.37 30.39 -11.17
N GLU A 133 25.17 29.26 -10.50
CA GLU A 133 26.14 28.15 -10.52
C GLU A 133 26.23 27.48 -11.90
N VAL A 134 25.08 27.25 -12.51
CA VAL A 134 25.04 26.70 -13.85
C VAL A 134 25.59 27.71 -14.91
N ALA A 135 25.34 29.00 -14.69
CA ALA A 135 25.89 30.02 -15.58
C ALA A 135 27.39 30.04 -15.43
N ASN A 136 27.88 29.90 -14.19
CA ASN A 136 29.32 29.89 -13.96
C ASN A 136 29.98 28.78 -14.77
N GLU A 137 29.40 27.58 -14.67
CA GLU A 137 29.94 26.44 -15.38
C GLU A 137 29.89 26.56 -16.91
N GLN A 138 28.74 26.97 -17.45
CA GLN A 138 28.57 27.02 -18.90
C GLN A 138 29.42 28.15 -19.47
N PHE A 139 29.58 29.21 -18.69
CA PHE A 139 30.46 30.31 -19.11
C PHE A 139 31.91 29.82 -19.28
N ASN A 140 32.37 28.96 -18.37
CA ASN A 140 33.73 28.42 -18.46
C ASN A 140 33.93 27.44 -19.61
N ASP A 141 32.86 26.73 -19.96
CA ASP A 141 32.98 25.67 -20.94
C ASP A 141 32.60 26.14 -22.35
N THR A 142 31.93 27.28 -22.45
CA THR A 142 31.63 27.83 -23.77
C THR A 142 32.87 28.46 -24.45
N PRO A 143 33.28 27.90 -25.61
CA PRO A 143 34.35 28.54 -26.37
C PRO A 143 33.84 29.80 -27.05
N VAL A 144 34.65 30.86 -27.08
CA VAL A 144 34.25 32.12 -27.68
C VAL A 144 35.52 32.72 -28.30
N PRO A 145 35.45 33.16 -29.57
CA PRO A 145 36.65 33.81 -30.12
C PRO A 145 37.08 34.91 -29.16
N PRO A 146 38.37 34.98 -28.86
CA PRO A 146 38.93 35.88 -27.84
C PRO A 146 38.40 37.32 -27.89
N GLN A 147 38.25 37.88 -29.10
CA GLN A 147 37.84 39.28 -29.25
C GLN A 147 36.41 39.50 -28.75
N TYR A 148 35.70 38.40 -28.46
CA TYR A 148 34.31 38.47 -28.04
C TYR A 148 34.09 38.17 -26.55
N LYS A 149 35.13 37.74 -25.84
CA LYS A 149 34.97 37.12 -24.52
C LYS A 149 34.42 38.09 -23.48
N GLU A 150 34.94 39.31 -23.47
CA GLU A 150 34.58 40.31 -22.46
C GLU A 150 33.14 40.77 -22.57
N MLY A 151 32.71 41.08 -23.79
CA MLY A 151 31.31 41.40 -24.08
CB MLY A 151 31.16 41.78 -25.55
CG MLY A 151 29.77 42.27 -25.89
CD MLY A 151 29.70 43.10 -27.17
CE MLY A 151 28.23 43.48 -27.43
NZ MLY A 151 28.01 44.58 -28.42
CH1 MLY A 151 29.01 45.64 -28.24
CH2 MLY A 151 28.06 44.03 -29.78
C MLY A 151 30.37 40.22 -23.74
O MLY A 151 29.27 40.42 -23.20
N PHE A 152 30.81 39.02 -24.09
CA PHE A 152 30.06 37.80 -23.78
C PHE A 152 29.80 37.74 -22.28
N MET A 153 30.90 37.87 -21.53
CA MET A 153 30.94 37.94 -20.07
C MET A 153 29.99 39.00 -19.49
N VAL A 154 30.15 40.24 -19.96
CA VAL A 154 29.37 41.36 -19.46
C VAL A 154 27.87 41.15 -19.71
N CYS A 155 27.53 40.72 -20.92
CA CYS A 155 26.12 40.55 -21.26
C CYS A 155 25.50 39.30 -20.57
N LEU A 156 26.25 38.20 -20.49
CA LEU A 156 25.74 36.99 -19.84
C LEU A 156 25.46 37.25 -18.37
N LYS A 157 26.37 37.96 -17.71
CA LYS A 157 26.18 38.26 -16.30
C LYS A 157 24.85 38.95 -16.11
N GLN A 158 24.60 39.98 -16.92
CA GLN A 158 23.44 40.81 -16.64
C GLN A 158 22.15 40.08 -16.95
N ILE A 159 22.14 39.21 -17.96
CA ILE A 159 20.87 38.62 -18.35
C ILE A 159 20.59 37.39 -17.47
N VAL A 160 21.63 36.79 -16.90
CA VAL A 160 21.44 35.71 -15.95
C VAL A 160 20.86 36.31 -14.68
N GLN A 161 21.44 37.41 -14.22
CA GLN A 161 20.88 38.15 -13.08
C GLN A 161 19.43 38.58 -13.33
N TYR A 162 19.13 39.10 -14.52
CA TYR A 162 17.72 39.35 -14.82
C TYR A 162 16.88 38.07 -14.73
N ALA A 163 17.43 36.95 -15.21
CA ALA A 163 16.74 35.65 -15.21
C ALA A 163 16.41 35.14 -13.80
N VAL A 164 17.40 35.22 -12.90
CA VAL A 164 17.19 34.98 -11.48
C VAL A 164 16.02 35.81 -10.93
N ASN A 165 16.07 37.12 -11.14
CA ASN A 165 15.05 38.05 -10.63
C ASN A 165 13.66 37.78 -11.18
N SER A 166 13.58 37.13 -12.32
CA SER A 166 12.32 36.92 -13.00
C SER A 166 11.80 35.49 -12.81
N SER A 167 12.54 34.65 -12.09
CA SER A 167 12.22 33.23 -12.00
C SER A 167 11.69 32.85 -10.62
N SER A 168 11.09 33.84 -9.95
CA SER A 168 10.58 33.62 -8.62
C SER A 168 9.53 32.51 -8.61
N MLY A 169 8.76 32.41 -9.68
CA MLY A 169 7.66 31.49 -9.77
CB MLY A 169 6.75 31.84 -10.94
CG MLY A 169 7.40 31.68 -12.31
CD MLY A 169 6.40 32.00 -13.43
CE MLY A 169 5.99 33.46 -13.46
NZ MLY A 169 5.02 33.71 -14.58
CH1 MLY A 169 3.85 32.84 -14.43
CH2 MLY A 169 4.56 35.10 -14.58
C MLY A 169 8.16 30.05 -9.88
O MLY A 169 7.47 29.12 -9.47
N LEU A 170 9.36 29.86 -10.41
CA LEU A 170 9.95 28.53 -10.46
C LEU A 170 10.37 28.06 -9.06
N GLU A 171 10.96 28.95 -8.25
CA GLU A 171 11.27 28.58 -6.87
C GLU A 171 10.00 28.34 -6.05
N LYS A 172 9.00 29.21 -6.24
CA LYS A 172 7.75 29.08 -5.49
C LYS A 172 7.00 27.79 -5.91
N PHE A 173 7.28 27.30 -7.10
CA PHE A 173 6.67 26.07 -7.56
C PHE A 173 7.22 24.86 -6.80
N VAL A 174 8.55 24.83 -6.68
CA VAL A 174 9.25 23.80 -5.95
C VAL A 174 8.76 23.74 -4.52
N MET A 175 8.57 24.91 -3.91
CA MET A 175 8.12 24.97 -2.54
C MET A 175 6.67 24.50 -2.39
N LEU A 176 5.87 24.75 -3.42
CA LEU A 176 4.47 24.34 -3.43
C LEU A 176 4.32 22.83 -3.55
N MLZ A 177 5.14 22.25 -4.42
CA MLZ A 177 5.16 20.82 -4.63
CB MLZ A 177 6.11 20.51 -5.80
CG MLZ A 177 5.33 19.97 -6.99
CD MLZ A 177 4.27 20.96 -7.51
CE MLZ A 177 2.86 20.45 -7.28
NZ MLZ A 177 1.89 20.98 -8.22
CM MLZ A 177 2.02 20.64 -9.63
C MLZ A 177 5.65 20.11 -3.39
O MLZ A 177 5.02 19.11 -3.00
N ILE A 178 6.72 20.60 -2.78
CA ILE A 178 7.25 20.00 -1.57
C ILE A 178 6.20 19.98 -0.46
N MLY A 179 5.47 21.07 -0.35
CA MLY A 179 4.44 21.25 0.67
CB MLY A 179 3.97 22.70 0.66
CG MLY A 179 2.71 22.97 1.43
CD MLY A 179 2.88 22.77 2.94
CE MLY A 179 1.56 23.04 3.67
NZ MLY A 179 1.51 22.50 5.05
CH1 MLY A 179 2.70 22.94 5.81
CH2 MLY A 179 0.29 22.98 5.72
C MLY A 179 3.29 20.28 0.40
O MLY A 179 2.66 19.73 1.32
N THR A 180 3.03 20.06 -0.88
CA THR A 180 1.96 19.18 -1.31
C THR A 180 2.28 17.73 -0.90
N LYS A 181 3.51 17.30 -1.13
CA LYS A 181 3.97 15.98 -0.72
C LYS A 181 3.96 15.82 0.80
N LYS A 182 4.30 16.89 1.52
CA LYS A 182 4.26 16.84 2.96
C LYS A 182 2.83 16.52 3.41
N ASP A 183 1.88 17.23 2.81
CA ASP A 183 0.47 17.13 3.14
C ASP A 183 -0.15 15.83 2.63
N ASP A 184 0.30 15.38 1.46
CA ASP A 184 -0.04 14.06 0.95
C ASP A 184 0.27 12.99 1.98
N ILE A 185 1.54 12.94 2.38
CA ILE A 185 1.98 11.95 3.34
C ILE A 185 1.09 11.98 4.56
N LYS A 186 0.93 13.16 5.15
CA LYS A 186 0.17 13.27 6.38
C LYS A 186 -1.29 12.84 6.20
N ASP A 187 -1.92 13.23 5.10
CA ASP A 187 -3.32 12.87 4.88
C ASP A 187 -3.48 11.38 4.58
N ARG A 188 -2.62 10.85 3.73
CA ARG A 188 -2.73 9.45 3.32
C ARG A 188 -2.47 8.50 4.48
N VAL A 189 -1.38 8.74 5.22
CA VAL A 189 -1.06 7.92 6.36
C VAL A 189 -2.18 8.01 7.41
N THR A 190 -2.72 9.21 7.62
CA THR A 190 -3.83 9.41 8.55
C THR A 190 -5.09 8.63 8.16
N TYR A 191 -5.41 8.65 6.87
CA TYR A 191 -6.56 7.93 6.38
C TYR A 191 -6.38 6.43 6.65
N THR A 192 -5.23 5.89 6.28
CA THR A 192 -4.87 4.49 6.48
C THR A 192 -4.95 4.10 7.95
N CYS A 193 -4.35 4.92 8.81
CA CYS A 193 -4.47 4.80 10.25
C CYS A 193 -5.92 4.67 10.73
N MET A 194 -6.79 5.56 10.25
CA MET A 194 -8.17 5.52 10.65
C MET A 194 -8.90 4.30 10.10
N LYS A 195 -8.54 3.89 8.90
CA LYS A 195 -9.18 2.77 8.25
C LYS A 195 -8.86 1.48 9.04
N TYR A 196 -7.61 1.31 9.43
CA TYR A 196 -7.22 0.07 10.05
C TYR A 196 -7.80 0.03 11.46
N LEU A 197 -7.90 1.20 12.06
CA LEU A 197 -8.47 1.32 13.39
C LEU A 197 -9.93 0.87 13.39
N LEU A 198 -10.68 1.25 12.36
CA LEU A 198 -12.09 0.86 12.29
C LEU A 198 -12.24 -0.66 12.15
N MET A 199 -11.46 -1.23 11.24
CA MET A 199 -11.42 -2.66 10.97
C MET A 199 -11.04 -3.44 12.23
N ALA A 200 -10.24 -2.83 13.10
CA ALA A 200 -9.83 -3.47 14.33
C ALA A 200 -10.97 -3.46 15.34
N MET A 201 -11.60 -2.30 15.51
CA MET A 201 -12.74 -2.19 16.41
C MET A 201 -13.91 -3.02 15.91
N GLN A 202 -13.98 -3.23 14.61
CA GLN A 202 -15.07 -4.03 14.04
C GLN A 202 -14.90 -5.51 14.36
N GLY A 203 -13.73 -5.90 14.84
CA GLY A 203 -13.44 -7.31 15.07
C GLY A 203 -13.54 -7.66 16.54
N THR A 204 -13.78 -6.66 17.36
CA THR A 204 -13.86 -6.87 18.80
C THR A 204 -15.17 -7.55 19.19
N GLY A 205 -15.20 -8.11 20.39
CA GLY A 205 -16.43 -8.63 20.93
C GLY A 205 -16.47 -10.13 21.06
N GLY A 206 -15.32 -10.77 20.81
CA GLY A 206 -15.10 -12.20 21.09
C GLY A 206 -16.26 -13.07 20.70
N PRO A 207 -16.55 -14.11 21.52
CA PRO A 207 -17.88 -14.73 21.47
C PRO A 207 -18.77 -14.10 22.52
N LYS A 208 -20.09 -14.27 22.41
CA LYS A 208 -20.98 -13.89 23.49
C LYS A 208 -21.46 -15.16 24.16
N ALA A 209 -22.03 -16.07 23.37
CA ALA A 209 -22.49 -17.33 23.89
C ALA A 209 -21.31 -18.30 24.05
N ILE A 210 -21.23 -18.96 25.20
CA ILE A 210 -20.18 -19.97 25.43
C ILE A 210 -20.79 -21.35 25.61
N ASN A 211 -20.33 -22.30 24.80
CA ASN A 211 -20.90 -23.66 24.76
C ASN A 211 -21.14 -24.30 26.13
N ASN A 212 -20.06 -24.49 26.89
CA ASN A 212 -20.12 -25.20 28.16
C ASN A 212 -20.99 -24.50 29.19
N GLU A 213 -21.09 -23.18 29.06
CA GLU A 213 -21.93 -22.40 29.96
C GLU A 213 -23.40 -22.64 29.66
N GLU A 214 -23.71 -22.74 28.37
CA GLU A 214 -25.05 -23.10 27.92
C GLU A 214 -25.40 -24.51 28.35
N HIS A 215 -24.40 -25.39 28.26
CA HIS A 215 -24.61 -26.79 28.63
C HIS A 215 -24.94 -26.92 30.12
N ALA A 216 -24.20 -26.20 30.95
CA ALA A 216 -24.50 -26.06 32.38
C ALA A 216 -25.91 -25.47 32.62
N LYS A 217 -26.29 -24.45 31.84
CA LYS A 217 -27.63 -23.88 31.98
C LYS A 217 -28.71 -24.93 31.66
N LEU A 218 -28.54 -25.67 30.58
CA LEU A 218 -29.46 -26.74 30.26
C LEU A 218 -29.41 -27.89 31.28
N PHE A 219 -28.22 -28.21 31.77
CA PHE A 219 -28.06 -29.22 32.80
C PHE A 219 -28.90 -28.89 34.03
N PHE A 220 -28.73 -27.67 34.51
CA PHE A 220 -29.39 -27.21 35.73
C PHE A 220 -30.89 -27.05 35.52
N MLZ A 221 -31.32 -26.95 34.27
CA MLZ A 221 -32.73 -26.89 33.94
CB MLZ A 221 -32.98 -26.53 32.48
CG MLZ A 221 -33.07 -25.03 32.27
CD MLZ A 221 -33.99 -24.67 31.10
CE MLZ A 221 -33.87 -23.19 30.78
NZ MLZ A 221 -34.56 -22.80 29.57
CM MLZ A 221 -34.09 -23.25 28.27
C MLZ A 221 -33.36 -28.24 34.18
O MLZ A 221 -34.41 -28.34 34.85
N GLN A 222 -32.73 -29.28 33.64
CA GLN A 222 -33.32 -30.61 33.62
C GLN A 222 -32.93 -31.48 34.83
N LEU A 223 -32.53 -30.82 35.91
CA LEU A 223 -32.03 -31.52 37.08
C LEU A 223 -33.16 -32.35 37.72
N SER A 224 -34.38 -31.83 37.66
CA SER A 224 -35.54 -32.55 38.18
C SER A 224 -35.91 -33.77 37.32
N ASN A 225 -35.71 -33.66 36.00
CA ASN A 225 -36.07 -34.74 35.08
C ASN A 225 -35.08 -35.91 35.06
N TYR A 226 -34.19 -35.98 36.05
CA TYR A 226 -33.27 -37.11 36.17
C TYR A 226 -33.78 -38.13 37.20
N ASP A 227 -34.29 -39.25 36.73
CA ASP A 227 -34.84 -40.27 37.64
C ASP A 227 -33.75 -40.86 38.52
N ASP A 228 -32.58 -41.08 37.94
CA ASP A 228 -31.44 -41.67 38.63
C ASP A 228 -30.36 -40.62 38.89
N LEU A 229 -30.05 -40.40 40.17
CA LEU A 229 -29.04 -39.41 40.52
C LEU A 229 -27.63 -39.88 40.16
N THR A 230 -27.46 -41.17 39.85
CA THR A 230 -26.16 -41.61 39.34
C THR A 230 -25.97 -41.15 37.88
N ASP A 231 -27.09 -40.94 37.18
CA ASP A 231 -27.05 -40.40 35.83
C ASP A 231 -26.77 -38.91 35.84
N ALA A 232 -27.54 -38.20 36.66
CA ALA A 232 -27.36 -36.77 36.84
C ALA A 232 -25.94 -36.45 37.30
N ASN A 233 -25.41 -37.27 38.21
CA ASN A 233 -24.03 -37.09 38.64
C ASN A 233 -23.06 -37.33 37.49
N HIS A 234 -23.38 -38.29 36.63
CA HIS A 234 -22.49 -38.65 35.54
C HIS A 234 -22.36 -37.49 34.54
N ASP A 235 -23.50 -36.97 34.07
CA ASP A 235 -23.49 -35.83 33.16
C ASP A 235 -22.80 -34.63 33.82
N GLY A 236 -23.08 -34.38 35.09
CA GLY A 236 -22.45 -33.31 35.84
C GLY A 236 -20.93 -33.39 35.84
N LEU A 237 -20.42 -34.59 36.11
CA LEU A 237 -18.98 -34.82 36.11
C LEU A 237 -18.38 -34.62 34.72
N GLU A 238 -19.10 -35.06 33.69
CA GLU A 238 -18.62 -34.92 32.31
C GLU A 238 -18.57 -33.45 31.92
N LEU A 239 -19.55 -32.70 32.40
CA LEU A 239 -19.59 -31.27 32.22
C LEU A 239 -18.43 -30.59 32.97
N ILE A 240 -17.97 -31.20 34.04
CA ILE A 240 -16.83 -30.65 34.78
C ILE A 240 -15.55 -30.77 33.96
N LYS A 241 -15.31 -31.97 33.43
CA LYS A 241 -14.19 -32.22 32.55
C LYS A 241 -14.14 -31.22 31.41
N LYS A 242 -15.27 -31.00 30.76
CA LYS A 242 -15.29 -30.11 29.62
C LYS A 242 -15.06 -28.65 30.07
N LEU A 243 -15.57 -28.28 31.24
CA LEU A 243 -15.39 -26.91 31.75
C LEU A 243 -13.95 -26.59 32.16
N ASP A 244 -13.10 -27.62 32.26
CA ASP A 244 -11.67 -27.46 32.55
C ASP A 244 -10.82 -27.55 31.29
N LYS A 245 -11.41 -27.99 30.19
CA LYS A 245 -10.68 -28.07 28.94
C LYS A 245 -10.66 -26.69 28.31
N GLU A 246 -9.89 -26.55 27.24
CA GLU A 246 -9.86 -25.30 26.52
C GLU A 246 -11.24 -25.03 25.94
N GLN A 247 -11.75 -23.82 26.18
CA GLN A 247 -12.97 -23.38 25.54
C GLN A 247 -12.68 -23.15 24.05
N LYS A 248 -13.28 -23.98 23.21
CA LYS A 248 -13.00 -23.96 21.78
C LYS A 248 -13.38 -22.66 21.09
N GLU A 249 -14.52 -22.09 21.49
CA GLU A 249 -15.01 -20.88 20.85
C GLU A 249 -14.15 -19.70 21.27
N VAL A 250 -13.70 -19.69 22.52
CA VAL A 250 -12.73 -18.70 22.98
C VAL A 250 -11.40 -18.82 22.23
N ALA A 251 -10.90 -20.04 22.09
CA ALA A 251 -9.67 -20.27 21.34
C ALA A 251 -9.81 -19.79 19.89
N PHE A 252 -10.91 -20.18 19.26
CA PHE A 252 -11.18 -19.76 17.88
C PHE A 252 -11.11 -18.24 17.71
N HIS A 253 -11.74 -17.52 18.64
CA HIS A 253 -11.85 -16.06 18.55
C HIS A 253 -10.58 -15.34 18.99
N VAL A 254 -9.81 -15.95 19.89
CA VAL A 254 -8.53 -15.36 20.28
C VAL A 254 -7.56 -15.40 19.10
N ASN A 255 -7.47 -16.55 18.45
CA ASN A 255 -6.58 -16.69 17.31
C ASN A 255 -7.00 -15.80 16.16
N ASN A 256 -8.31 -15.66 15.96
CA ASN A 256 -8.84 -14.80 14.89
C ASN A 256 -8.60 -13.33 15.14
N PHE A 257 -8.86 -12.89 16.37
CA PHE A 257 -8.65 -11.51 16.72
C PHE A 257 -7.15 -11.18 16.71
N THR A 258 -6.33 -12.11 17.19
CA THR A 258 -4.88 -11.90 17.19
C THR A 258 -4.34 -11.81 15.76
N HIS A 259 -4.85 -12.66 14.87
CA HIS A 259 -4.48 -12.57 13.47
C HIS A 259 -4.87 -11.21 12.92
N LEU A 260 -6.08 -10.76 13.25
CA LEU A 260 -6.59 -9.49 12.72
C LEU A 260 -5.73 -8.29 13.14
N VAL A 261 -5.53 -8.11 14.45
CA VAL A 261 -4.77 -6.98 14.96
C VAL A 261 -3.30 -7.02 14.56
N THR A 262 -2.71 -8.21 14.54
CA THR A 262 -1.31 -8.32 14.13
C THR A 262 -1.14 -7.89 12.69
N THR A 263 -2.01 -8.43 11.82
CA THR A 263 -1.92 -8.15 10.40
C THR A 263 -2.17 -6.67 10.13
N LEU A 264 -3.20 -6.11 10.75
CA LEU A 264 -3.43 -4.66 10.68
C LEU A 264 -2.19 -3.91 11.17
N GLY A 265 -1.65 -4.34 12.29
CA GLY A 265 -0.42 -3.78 12.83
C GLY A 265 0.72 -3.79 11.82
N MET A 266 0.94 -4.91 11.16
CA MET A 266 2.04 -5.08 10.23
C MET A 266 1.82 -4.25 8.96
N ALA A 267 0.56 -4.17 8.53
CA ALA A 267 0.19 -3.50 7.30
C ALA A 267 0.38 -1.99 7.44
N LEU A 268 0.62 -1.58 8.69
CA LEU A 268 0.65 -0.18 9.08
C LEU A 268 2.09 0.23 9.38
N TYR A 269 2.90 -0.70 9.88
CA TYR A 269 4.31 -0.44 10.18
C TYR A 269 5.03 -0.10 8.89
N LYS A 270 4.60 -0.77 7.82
CA LYS A 270 5.16 -0.59 6.49
C LYS A 270 4.76 0.78 5.93
N GLU A 271 3.54 1.18 6.26
CA GLU A 271 2.84 2.29 5.61
C GLU A 271 3.58 3.63 5.48
N GLY A 272 4.34 4.00 6.51
CA GLY A 272 5.04 5.28 6.53
C GLY A 272 6.22 5.29 5.60
N HIS A 273 7.00 4.20 5.61
CA HIS A 273 8.07 4.02 4.67
C HIS A 273 7.46 4.00 3.25
N GLN A 274 6.23 3.48 3.14
CA GLN A 274 5.53 3.43 1.85
C GLN A 274 5.16 4.82 1.31
N LYS A 275 4.56 5.66 2.15
CA LYS A 275 4.15 6.99 1.72
C LYS A 275 5.38 7.92 1.62
N ASN A 276 6.39 7.66 2.44
CA ASN A 276 7.67 8.32 2.32
C ASN A 276 8.18 8.17 0.88
N ASP A 277 8.23 6.91 0.43
CA ASP A 277 8.75 6.60 -0.89
C ASP A 277 7.83 7.10 -2.02
N GLU A 278 6.51 7.04 -1.81
CA GLU A 278 5.59 7.66 -2.75
C GLU A 278 5.92 9.15 -2.97
N ALA A 279 6.24 9.83 -1.86
CA ALA A 279 6.56 11.26 -1.90
C ALA A 279 7.89 11.51 -2.63
N MET A 280 8.95 10.82 -2.22
CA MET A 280 10.26 11.02 -2.85
C MET A 280 10.23 10.63 -4.32
N LEU A 281 9.55 9.53 -4.64
CA LEU A 281 9.35 9.15 -6.04
C LEU A 281 8.55 10.21 -6.81
N GLY A 282 7.59 10.84 -6.14
CA GLY A 282 6.72 11.81 -6.80
C GLY A 282 7.42 13.13 -7.10
N MET A 283 8.47 13.43 -6.36
CA MET A 283 9.25 14.66 -6.56
C MET A 283 10.28 14.50 -7.67
N HIS A 284 10.45 13.26 -8.13
CA HIS A 284 11.53 12.94 -9.04
C HIS A 284 11.39 13.67 -10.37
N THR A 285 10.24 13.53 -11.03
CA THR A 285 10.00 14.18 -12.31
C THR A 285 10.03 15.74 -12.24
N PRO A 286 9.26 16.37 -11.32
CA PRO A 286 9.29 17.84 -11.31
C PRO A 286 10.67 18.40 -11.02
N ILE A 287 11.38 17.86 -10.02
CA ILE A 287 12.69 18.39 -9.70
C ILE A 287 13.64 18.17 -10.87
N THR A 288 13.57 16.99 -11.49
CA THR A 288 14.44 16.67 -12.63
C THR A 288 14.13 17.55 -13.84
N MET A 289 12.87 17.85 -14.10
CA MET A 289 12.51 18.69 -15.22
C MET A 289 13.03 20.11 -14.99
N LEU A 290 12.86 20.61 -13.78
CA LEU A 290 13.20 21.99 -13.54
C LEU A 290 14.72 22.17 -13.55
N SER A 291 15.44 21.15 -13.07
CA SER A 291 16.88 21.20 -13.08
C SER A 291 17.37 21.21 -14.51
N ASP A 292 16.73 20.43 -15.36
CA ASP A 292 17.14 20.45 -16.74
C ASP A 292 16.82 21.81 -17.41
N GLN A 293 15.63 22.35 -17.12
CA GLN A 293 15.16 23.61 -17.69
C GLN A 293 16.10 24.77 -17.39
N VAL A 294 16.62 24.79 -16.17
CA VAL A 294 17.56 25.78 -15.72
C VAL A 294 18.82 25.76 -16.59
N ARG A 295 19.33 24.55 -16.76
CA ARG A 295 20.50 24.31 -17.59
C ARG A 295 20.25 24.76 -19.02
N VAL A 296 19.13 24.32 -19.58
CA VAL A 296 18.76 24.61 -20.97
C VAL A 296 18.54 26.12 -21.20
N LEU A 297 18.05 26.79 -20.18
CA LEU A 297 17.88 28.22 -20.26
C LEU A 297 19.26 28.91 -20.44
N ILE A 298 20.21 28.54 -19.60
CA ILE A 298 21.54 29.10 -19.68
C ILE A 298 22.14 28.88 -21.08
N LEU A 299 21.93 27.70 -21.64
CA LEU A 299 22.52 27.36 -22.94
C LEU A 299 21.91 28.22 -24.05
N TYR A 300 20.60 28.45 -23.95
CA TYR A 300 19.86 29.22 -24.93
C TYR A 300 20.29 30.71 -24.86
N LEU A 301 20.47 31.21 -23.65
CA LEU A 301 20.92 32.58 -23.40
C LEU A 301 22.33 32.80 -23.97
N ILE A 302 23.20 31.81 -23.75
CA ILE A 302 24.55 31.84 -24.27
C ILE A 302 24.61 31.90 -25.80
N ASP A 303 23.80 31.08 -26.46
CA ASP A 303 23.75 31.07 -27.92
C ASP A 303 23.17 32.36 -28.47
N GLU A 304 22.14 32.88 -27.82
CA GLU A 304 21.53 34.16 -28.21
C GLU A 304 22.55 35.29 -28.12
N ILE A 305 23.24 35.35 -26.99
CA ILE A 305 24.21 36.38 -26.76
C ILE A 305 25.35 36.34 -27.77
N VAL A 306 25.99 35.19 -27.93
CA VAL A 306 27.10 35.12 -28.89
C VAL A 306 26.58 35.44 -30.30
N HIS A 307 25.38 34.98 -30.64
CA HIS A 307 24.82 35.26 -31.96
C HIS A 307 24.59 36.76 -32.18
N ALA A 308 24.14 37.46 -31.14
CA ALA A 308 23.92 38.89 -31.20
C ALA A 308 25.23 39.64 -31.31
N ILE A 309 26.21 39.20 -30.52
CA ILE A 309 27.54 39.81 -30.50
C ILE A 309 28.17 39.74 -31.89
N HIS A 310 28.06 38.57 -32.50
CA HIS A 310 28.56 38.34 -33.83
C HIS A 310 27.88 39.25 -34.87
N THR A 311 26.57 39.20 -34.87
CA THR A 311 25.68 39.67 -35.93
C THR A 311 25.24 41.14 -35.77
N ASN A 312 25.57 41.75 -34.64
CA ASN A 312 25.08 43.09 -34.34
C ASN A 312 26.05 43.91 -33.49
N SER A 313 27.31 43.99 -33.91
CA SER A 313 28.34 44.69 -33.13
C SER A 313 28.08 46.19 -32.89
N ASN A 314 27.12 46.76 -33.61
CA ASN A 314 26.80 48.18 -33.53
C ASN A 314 26.07 48.56 -32.23
N GLN A 315 25.06 47.78 -31.84
CA GLN A 315 24.26 48.08 -30.66
C GLN A 315 25.11 47.98 -29.41
N SER A 316 24.70 48.68 -28.35
CA SER A 316 25.39 48.58 -27.08
C SER A 316 25.05 47.25 -26.35
N ASN A 317 25.84 46.97 -25.32
CA ASN A 317 25.55 45.92 -24.35
C ASN A 317 24.12 46.03 -23.82
N ASP A 318 23.74 47.23 -23.40
CA ASP A 318 22.40 47.49 -22.91
C ASP A 318 21.29 47.14 -23.89
N GLU A 319 21.49 47.47 -25.16
CA GLU A 319 20.49 47.14 -26.17
C GLU A 319 20.44 45.63 -26.47
N LEU A 320 21.58 44.95 -26.37
CA LEU A 320 21.62 43.49 -26.53
C LEU A 320 20.88 42.82 -25.37
N ILE A 321 21.30 43.14 -24.14
CA ILE A 321 20.69 42.63 -22.92
C ILE A 321 19.17 42.89 -22.93
N ASP A 322 18.78 44.13 -23.25
CA ASP A 322 17.37 44.53 -23.33
C ASP A 322 16.52 43.70 -24.31
N GLY A 323 17.07 43.31 -25.45
CA GLY A 323 16.32 42.55 -26.43
C GLY A 323 16.09 41.11 -25.97
N LEU A 324 16.88 40.67 -24.99
CA LEU A 324 16.82 39.31 -24.46
C LEU A 324 15.83 39.16 -23.33
N LYS A 325 15.57 40.27 -22.62
CA LYS A 325 14.72 40.23 -21.45
C LYS A 325 13.34 39.63 -21.76
N PRO A 326 12.69 40.06 -22.87
CA PRO A 326 11.38 39.45 -23.08
C PRO A 326 11.50 37.96 -23.39
N LYS A 327 12.53 37.56 -24.13
CA LYS A 327 12.80 36.14 -24.44
C LYS A 327 12.98 35.32 -23.16
N VAL A 328 13.73 35.87 -22.20
CA VAL A 328 13.85 35.30 -20.86
C VAL A 328 12.47 35.11 -20.23
N ARG A 329 11.62 36.14 -20.30
CA ARG A 329 10.33 36.07 -19.61
C ARG A 329 9.48 34.97 -20.22
N ILE A 330 9.49 34.91 -21.55
CA ILE A 330 8.74 33.90 -22.29
C ILE A 330 9.14 32.46 -21.95
N VAL A 331 10.43 32.19 -21.84
CA VAL A 331 10.90 30.84 -21.59
C VAL A 331 10.52 30.43 -20.16
N ILE A 332 10.75 31.34 -19.22
CA ILE A 332 10.38 31.10 -17.83
C ILE A 332 8.88 30.84 -17.70
N ASN A 333 8.07 31.65 -18.40
CA ASN A 333 6.63 31.42 -18.42
C ASN A 333 6.28 30.03 -18.95
N GLU A 334 6.88 29.68 -20.09
CA GLU A 334 6.70 28.38 -20.74
C GLU A 334 7.10 27.22 -19.82
N PHE A 335 8.29 27.30 -19.25
CA PHE A 335 8.74 26.33 -18.25
C PHE A 335 7.70 26.18 -17.13
N HIS A 336 7.24 27.30 -16.61
CA HIS A 336 6.34 27.29 -15.48
C HIS A 336 4.98 26.66 -15.81
N ALA A 337 4.41 27.03 -16.95
CA ALA A 337 3.14 26.43 -17.35
C ALA A 337 3.30 24.92 -17.48
N THR A 338 4.40 24.50 -18.11
CA THR A 338 4.67 23.06 -18.28
C THR A 338 4.73 22.34 -16.94
N LEU A 339 5.50 22.85 -15.99
CA LEU A 339 5.61 22.22 -14.68
C LEU A 339 4.29 22.20 -13.90
N MET A 340 3.49 23.23 -14.08
CA MET A 340 2.22 23.34 -13.37
C MET A 340 1.28 22.23 -13.81
N MET A 341 1.43 21.80 -15.06
CA MET A 341 0.59 20.74 -15.60
C MET A 341 0.77 19.39 -14.88
N GLY A 342 1.90 19.22 -14.20
CA GLY A 342 2.16 18.04 -13.38
C GLY A 342 2.01 16.66 -14.02
N ILE A 343 2.18 16.61 -15.35
CA ILE A 343 1.91 15.43 -16.17
C ILE A 343 2.53 14.11 -15.66
N ASP A 344 3.71 14.21 -15.04
CA ASP A 344 4.54 13.08 -14.62
C ASP A 344 5.15 12.34 -15.81
N LYS A 345 4.82 12.77 -17.02
CA LYS A 345 5.61 12.39 -18.20
C LYS A 345 6.81 13.34 -18.27
N MET A 346 8.01 12.79 -18.10
CA MET A 346 9.22 13.59 -18.03
C MET A 346 9.54 14.22 -19.39
N LYS A 347 9.43 15.55 -19.43
CA LYS A 347 9.63 16.31 -20.68
C LYS A 347 10.89 17.17 -20.57
N PHE A 348 11.71 17.14 -21.62
CA PHE A 348 12.90 17.98 -21.70
C PHE A 348 12.80 18.89 -22.93
N TYR A 349 13.43 20.07 -22.87
CA TYR A 349 13.41 21.00 -24.01
C TYR A 349 14.70 20.96 -24.81
N SER A 350 14.61 21.08 -26.13
CA SER A 350 15.79 21.43 -26.92
C SER A 350 15.83 22.94 -27.16
N LEU A 351 17.01 23.46 -27.49
CA LEU A 351 17.16 24.86 -27.81
C LEU A 351 16.22 25.22 -28.96
N ASN A 352 16.27 24.44 -30.04
CA ASN A 352 15.35 24.61 -31.17
C ASN A 352 13.89 24.74 -30.76
N GLU A 353 13.49 24.01 -29.70
CA GLU A 353 12.15 24.14 -29.16
C GLU A 353 11.94 25.50 -28.48
N LEU A 354 12.92 25.95 -27.71
CA LEU A 354 12.86 27.25 -27.05
C LEU A 354 12.75 28.40 -28.08
N ARG A 355 13.56 28.34 -29.13
CA ARG A 355 13.56 29.38 -30.16
C ARG A 355 12.23 29.50 -30.86
N GLU A 356 11.62 28.37 -31.18
CA GLU A 356 10.32 28.38 -31.82
C GLU A 356 9.25 28.99 -30.90
N ILE A 357 9.26 28.60 -29.63
CA ILE A 357 8.36 29.20 -28.65
C ILE A 357 8.58 30.72 -28.51
N VAL A 358 9.83 31.16 -28.53
CA VAL A 358 10.15 32.59 -28.42
C VAL A 358 9.80 33.35 -29.71
N ASN A 359 10.14 32.77 -30.85
CA ASN A 359 9.88 33.41 -32.14
C ASN A 359 8.39 33.53 -32.42
N ASP A 360 7.58 32.70 -31.77
CA ASP A 360 6.13 32.80 -31.90
C ASP A 360 5.57 33.99 -31.12
N LYS A 361 5.84 34.02 -29.81
CA LYS A 361 5.35 35.08 -28.93
C LYS A 361 5.78 36.48 -29.39
N ILE A 362 6.84 36.54 -30.19
CA ILE A 362 7.28 37.79 -30.78
C ILE A 362 6.77 37.96 -32.21
N ASP B 11 -3.29 -19.74 -17.42
CA ASP B 11 -3.72 -18.35 -17.58
C ASP B 11 -3.25 -17.49 -16.41
N MET B 12 -2.36 -16.55 -16.69
CA MET B 12 -1.75 -15.72 -15.66
C MET B 12 -2.67 -14.54 -15.31
N ALA B 13 -2.95 -14.32 -14.02
CA ALA B 13 -3.83 -13.22 -13.61
C ALA B 13 -3.27 -11.82 -13.98
N LEU B 14 -1.96 -11.67 -13.92
CA LEU B 14 -1.33 -10.39 -14.21
C LEU B 14 -0.88 -10.31 -15.70
N GLN B 15 -1.62 -10.98 -16.58
CA GLN B 15 -1.21 -11.17 -17.97
C GLN B 15 -1.13 -9.85 -18.78
N HIS B 16 -2.07 -8.94 -18.54
CA HIS B 16 -2.06 -7.61 -19.15
C HIS B 16 -0.86 -6.77 -18.72
N ALA B 17 -0.48 -6.85 -17.45
CA ALA B 17 0.69 -6.14 -16.98
C ALA B 17 1.93 -6.61 -17.74
N VAL B 18 2.06 -7.92 -17.88
CA VAL B 18 3.20 -8.50 -18.56
C VAL B 18 3.24 -8.08 -20.03
N ASP B 19 2.08 -8.08 -20.68
CA ASP B 19 1.96 -7.71 -22.09
C ASP B 19 2.44 -6.28 -22.30
N LEU B 20 1.84 -5.37 -21.54
CA LEU B 20 2.17 -3.95 -21.55
C LEU B 20 3.66 -3.70 -21.24
N LEU B 21 4.26 -4.62 -20.48
CA LEU B 21 5.68 -4.53 -20.16
C LEU B 21 6.50 -4.82 -21.40
N GLU B 22 6.19 -5.92 -22.09
CA GLU B 22 6.92 -6.23 -23.31
C GLU B 22 6.63 -5.24 -24.44
N LYS B 23 5.40 -4.70 -24.46
CA LYS B 23 5.00 -3.76 -25.47
C LYS B 23 5.84 -2.48 -25.34
N MET B 24 5.72 -1.83 -24.20
CA MET B 24 6.43 -0.59 -23.95
C MET B 24 7.93 -0.70 -24.15
N LEU B 25 8.57 -1.72 -23.58
CA LEU B 25 10.01 -1.89 -23.74
C LEU B 25 10.39 -1.95 -25.21
N ALA B 26 9.63 -2.75 -25.94
CA ALA B 26 9.87 -2.96 -27.36
C ALA B 26 9.80 -1.65 -28.16
N ASP B 27 8.75 -0.86 -27.93
CA ASP B 27 8.54 0.41 -28.63
C ASP B 27 9.68 1.39 -28.37
N GLU B 28 10.04 1.52 -27.09
CA GLU B 28 11.15 2.35 -26.67
C GLU B 28 12.45 1.91 -27.33
N GLU B 29 12.61 0.59 -27.50
CA GLU B 29 13.82 0.04 -28.11
C GLU B 29 13.92 0.37 -29.59
N LYS B 30 12.76 0.45 -30.27
CA LYS B 30 12.74 0.74 -31.70
C LYS B 30 13.46 2.06 -31.99
N LYS B 31 13.19 3.08 -31.19
CA LYS B 31 13.66 4.43 -31.48
C LYS B 31 15.15 4.62 -31.19
N LEU B 32 15.78 3.62 -30.59
CA LEU B 32 17.20 3.68 -30.28
C LEU B 32 18.05 3.43 -31.52
N THR B 33 19.21 4.09 -31.59
CA THR B 33 20.10 3.88 -32.70
C THR B 33 21.10 2.77 -32.36
N GLU B 34 21.51 2.03 -33.37
CA GLU B 34 22.44 0.91 -33.20
C GLU B 34 23.78 1.41 -32.67
N PHE B 35 24.33 0.69 -31.69
CA PHE B 35 25.55 1.12 -31.02
C PHE B 35 26.81 0.96 -31.90
N ASN B 36 26.88 -0.12 -32.66
CA ASN B 36 28.06 -0.37 -33.49
C ASN B 36 27.94 0.16 -34.94
N LEU B 37 28.93 0.93 -35.36
CA LEU B 37 28.93 1.50 -36.71
C LEU B 37 29.17 0.43 -37.76
N GLY B 38 28.41 0.48 -38.85
CA GLY B 38 28.59 -0.45 -39.95
C GLY B 38 29.92 -0.22 -40.62
N ASP B 39 30.19 -0.96 -41.70
CA ASP B 39 31.45 -0.84 -42.40
C ASP B 39 31.48 0.38 -43.34
N PRO B 40 32.48 1.26 -43.18
CA PRO B 40 32.60 2.47 -44.00
C PRO B 40 32.85 2.17 -45.47
N LEU B 41 32.31 3.02 -46.34
CA LEU B 41 32.50 2.88 -47.77
C LEU B 41 33.99 2.94 -48.09
N PHE B 42 34.66 3.91 -47.47
CA PHE B 42 36.11 4.03 -47.55
C PHE B 42 36.75 3.95 -46.16
N GLU B 43 37.27 2.78 -45.80
CA GLU B 43 38.00 2.61 -44.55
C GLU B 43 39.37 3.29 -44.61
N ASP B 47 41.22 -0.35 -37.81
CA ASP B 47 41.47 1.06 -37.56
C ASP B 47 40.27 1.73 -36.89
N ASP B 48 40.52 2.35 -35.74
CA ASP B 48 39.51 3.13 -35.01
C ASP B 48 39.58 4.59 -35.44
N PRO B 49 38.47 5.14 -35.98
CA PRO B 49 38.50 6.53 -36.46
C PRO B 49 38.73 7.53 -35.34
N ILE B 50 38.29 7.20 -34.13
CA ILE B 50 38.51 8.09 -33.00
C ILE B 50 39.93 7.93 -32.47
N LYS B 51 40.64 9.05 -32.38
CA LYS B 51 42.01 9.05 -31.90
C LYS B 51 42.08 9.63 -30.49
N THR B 52 42.96 9.09 -29.67
CA THR B 52 43.14 9.55 -28.29
C THR B 52 43.54 11.01 -28.21
N LEU B 53 43.21 11.63 -27.08
CA LEU B 53 43.77 12.92 -26.69
C LEU B 53 45.28 12.99 -26.94
N GLU B 54 45.99 11.96 -26.51
CA GLU B 54 47.44 11.87 -26.66
C GLU B 54 47.87 12.03 -28.11
N GLU B 55 47.23 11.27 -29.00
CA GLU B 55 47.56 11.27 -30.41
C GLU B 55 47.30 12.63 -31.05
N ILE B 56 46.16 13.24 -30.73
CA ILE B 56 45.79 14.55 -31.27
C ILE B 56 46.78 15.62 -30.84
N ILE B 57 47.33 15.44 -29.64
CA ILE B 57 48.34 16.38 -29.18
C ILE B 57 49.62 16.32 -30.05
N GLN B 58 50.09 15.12 -30.36
CA GLN B 58 51.31 14.97 -31.17
C GLN B 58 51.16 15.55 -32.58
N GLU B 59 49.96 15.95 -32.94
CA GLU B 59 49.72 16.51 -34.27
C GLU B 59 49.98 18.02 -34.27
N GLY B 60 50.08 18.59 -33.07
CA GLY B 60 50.03 20.03 -32.85
C GLY B 60 51.15 20.92 -33.38
N ASP B 61 52.24 20.35 -33.86
CA ASP B 61 53.28 21.17 -34.50
C ASP B 61 52.76 21.70 -35.83
N ASP B 62 51.98 20.87 -36.52
CA ASP B 62 51.26 21.28 -37.71
C ASP B 62 49.92 21.91 -37.29
N VAL B 63 49.89 23.24 -37.18
CA VAL B 63 48.73 23.96 -36.67
C VAL B 63 47.46 23.73 -37.51
N VAL B 64 47.61 23.84 -38.83
CA VAL B 64 46.53 23.57 -39.76
C VAL B 64 46.18 22.10 -39.75
N GLY B 65 47.20 21.24 -39.71
CA GLY B 65 47.03 19.79 -39.57
C GLY B 65 46.28 19.40 -38.32
N ALA B 66 46.69 19.96 -37.19
CA ALA B 66 46.04 19.73 -35.90
C ALA B 66 44.62 20.28 -35.88
N HIS B 67 44.41 21.41 -36.53
CA HIS B 67 43.10 22.01 -36.59
C HIS B 67 42.10 21.10 -37.28
N GLN B 68 42.46 20.65 -38.47
CA GLN B 68 41.63 19.73 -39.22
C GLN B 68 41.35 18.45 -38.42
N LEU B 69 42.36 17.90 -37.75
CA LEU B 69 42.17 16.71 -36.92
C LEU B 69 41.25 17.03 -35.74
N VAL B 70 41.31 18.26 -35.24
CA VAL B 70 40.54 18.63 -34.06
C VAL B 70 39.06 18.71 -34.37
N VAL B 71 38.70 19.36 -35.47
CA VAL B 71 37.27 19.50 -35.78
C VAL B 71 36.66 18.14 -36.12
N THR B 72 37.44 17.28 -36.75
CA THR B 72 36.96 15.98 -37.11
C THR B 72 36.72 15.16 -35.84
N GLN B 73 37.67 15.19 -34.92
CA GLN B 73 37.58 14.37 -33.70
C GLN B 73 36.46 14.84 -32.77
N ILE B 74 36.15 16.11 -32.83
CA ILE B 74 35.01 16.67 -32.10
C ILE B 74 33.71 16.10 -32.63
N LYS B 75 33.57 16.12 -33.94
CA LYS B 75 32.34 15.71 -34.55
C LYS B 75 32.11 14.20 -34.35
N LEU B 76 33.20 13.43 -34.36
CA LEU B 76 33.14 12.00 -34.15
C LEU B 76 32.82 11.70 -32.70
N ARG B 77 33.34 12.51 -31.79
CA ARG B 77 33.09 12.28 -30.38
C ARG B 77 31.63 12.61 -29.98
N VAL B 78 31.06 13.62 -30.63
CA VAL B 78 29.67 13.96 -30.40
C VAL B 78 28.78 12.80 -30.87
N GLN B 79 29.08 12.23 -32.02
CA GLN B 79 28.32 11.09 -32.50
C GLN B 79 28.53 9.84 -31.62
N ARG B 80 29.76 9.62 -31.16
CA ARG B 80 30.06 8.57 -30.20
C ARG B 80 29.24 8.72 -28.92
N ASN B 81 29.25 9.92 -28.35
CA ASN B 81 28.57 10.15 -27.09
C ASN B 81 27.06 10.04 -27.21
N ARG B 82 26.55 10.28 -28.41
CA ARG B 82 25.13 10.08 -28.74
C ARG B 82 24.79 8.60 -28.68
N ARG B 83 25.61 7.79 -29.33
CA ARG B 83 25.44 6.35 -29.34
C ARG B 83 25.49 5.80 -27.91
N LEU B 84 26.35 6.38 -27.07
CA LEU B 84 26.45 5.97 -25.67
C LEU B 84 25.15 6.25 -24.93
N ALA B 85 24.63 7.46 -25.10
CA ALA B 85 23.34 7.87 -24.55
C ALA B 85 22.29 6.79 -24.80
N ASP B 86 22.23 6.32 -26.04
CA ASP B 86 21.31 5.24 -26.39
C ASP B 86 21.67 3.90 -25.76
N GLU B 87 22.97 3.65 -25.62
CA GLU B 87 23.42 2.42 -25.00
C GLU B 87 23.08 2.46 -23.51
N ILE B 88 22.95 3.67 -22.99
CA ILE B 88 22.49 3.88 -21.62
C ILE B 88 21.06 3.38 -21.47
N ILE B 89 20.16 3.94 -22.28
CA ILE B 89 18.76 3.52 -22.32
C ILE B 89 18.61 2.02 -22.58
N ARG B 90 19.42 1.51 -23.50
CA ARG B 90 19.41 0.10 -23.86
C ARG B 90 19.74 -0.80 -22.65
N GLU B 91 20.58 -0.30 -21.75
CA GLU B 91 20.89 -1.00 -20.52
C GLU B 91 19.82 -0.76 -19.47
N GLN B 92 19.10 0.36 -19.61
CA GLN B 92 18.02 0.69 -18.69
C GLN B 92 16.80 -0.20 -18.91
N LEU B 93 16.31 -0.23 -20.15
CA LEU B 93 15.12 -0.98 -20.50
C LEU B 93 15.22 -2.44 -20.07
N THR B 94 16.43 -2.97 -19.94
CA THR B 94 16.59 -4.33 -19.46
C THR B 94 16.52 -4.38 -17.93
N ASP B 95 17.03 -3.34 -17.27
CA ASP B 95 16.87 -3.23 -15.83
C ASP B 95 15.39 -3.14 -15.47
N ILE B 96 14.65 -2.36 -16.25
CA ILE B 96 13.20 -2.29 -16.08
C ILE B 96 12.59 -3.66 -16.26
N ARG B 97 13.04 -4.36 -17.30
CA ARG B 97 12.54 -5.69 -17.59
C ARG B 97 12.85 -6.66 -16.45
N LYS B 98 14.09 -6.66 -15.97
CA LYS B 98 14.49 -7.61 -14.95
C LYS B 98 13.77 -7.35 -13.63
N VAL B 99 13.78 -6.09 -13.19
CA VAL B 99 13.06 -5.73 -11.98
C VAL B 99 11.57 -6.05 -12.09
N PHE B 100 10.93 -5.55 -13.14
CA PHE B 100 9.48 -5.68 -13.21
C PHE B 100 8.95 -7.07 -13.56
N SER B 101 9.78 -7.90 -14.19
CA SER B 101 9.41 -9.30 -14.43
C SER B 101 9.37 -10.04 -13.11
N ASP B 102 10.45 -9.86 -12.34
CA ASP B 102 10.59 -10.44 -11.01
C ASP B 102 9.42 -10.08 -10.10
N LYS B 103 9.08 -8.81 -10.03
CA LYS B 103 8.02 -8.35 -9.14
C LYS B 103 6.63 -8.76 -9.62
N PHE B 104 6.44 -8.83 -10.93
CA PHE B 104 5.18 -9.29 -11.51
C PHE B 104 4.95 -10.78 -11.19
N GLU B 105 6.01 -11.56 -11.30
CA GLU B 105 5.97 -12.97 -10.97
C GLU B 105 5.63 -13.17 -9.49
N LYS B 106 6.41 -12.56 -8.61
CA LYS B 106 6.12 -12.60 -7.18
C LYS B 106 4.71 -12.11 -6.84
N LEU B 107 4.26 -11.03 -7.46
CA LEU B 107 2.93 -10.52 -7.16
C LEU B 107 1.86 -11.49 -7.63
N GLU B 108 2.12 -12.15 -8.76
CA GLU B 108 1.19 -13.12 -9.36
C GLU B 108 1.04 -14.34 -8.45
N GLN B 109 2.14 -14.74 -7.82
CA GLN B 109 2.14 -15.84 -6.89
C GLN B 109 1.32 -15.44 -5.66
N GLY B 110 1.46 -14.17 -5.28
CA GLY B 110 0.67 -13.58 -4.22
C GLY B 110 -0.82 -13.73 -4.48
N ILE B 111 -1.24 -13.45 -5.71
CA ILE B 111 -2.64 -13.56 -6.08
C ILE B 111 -3.16 -15.01 -6.11
N GLN B 112 -2.37 -15.90 -6.69
CA GLN B 112 -2.77 -17.30 -6.77
C GLN B 112 -2.94 -17.88 -5.36
N ASN B 113 -2.00 -17.56 -4.46
CA ASN B 113 -2.11 -17.97 -3.04
C ASN B 113 -3.41 -17.48 -2.45
N SER B 114 -3.69 -16.19 -2.64
CA SER B 114 -4.91 -15.57 -2.09
C SER B 114 -6.17 -16.20 -2.65
N TYR B 115 -6.09 -16.62 -3.90
CA TYR B 115 -7.20 -17.33 -4.53
C TYR B 115 -7.53 -18.62 -3.72
N LEU B 116 -6.48 -19.35 -3.34
CA LEU B 116 -6.67 -20.57 -2.57
C LEU B 116 -7.20 -20.27 -1.18
N LEU B 117 -6.74 -19.17 -0.56
CA LEU B 117 -7.19 -18.81 0.78
C LEU B 117 -8.64 -18.36 0.80
N LEU B 118 -9.10 -17.73 -0.27
CA LEU B 118 -10.52 -17.33 -0.35
C LEU B 118 -11.43 -18.54 -0.59
N ASP B 119 -10.93 -19.49 -1.37
CA ASP B 119 -11.62 -20.75 -1.57
C ASP B 119 -11.75 -21.52 -0.25
N LYS B 120 -10.66 -21.55 0.52
CA LYS B 120 -10.63 -22.12 1.86
C LYS B 120 -11.73 -21.54 2.77
N LEU B 121 -11.91 -20.23 2.69
CA LEU B 121 -12.88 -19.54 3.56
C LEU B 121 -14.30 -19.97 3.28
N LYS B 122 -14.62 -20.25 2.02
CA LYS B 122 -16.01 -20.52 1.64
C LYS B 122 -16.39 -21.99 1.80
N THR B 123 -15.39 -22.85 1.92
CA THR B 123 -15.59 -24.30 1.96
C THR B 123 -16.54 -24.76 3.09
N PRO B 124 -16.42 -24.18 4.31
CA PRO B 124 -17.38 -24.53 5.37
C PRO B 124 -18.84 -24.31 5.00
N PHE B 125 -19.09 -23.36 4.10
CA PHE B 125 -20.44 -22.92 3.80
C PHE B 125 -21.03 -23.53 2.53
N GLN B 126 -20.23 -24.33 1.82
CA GLN B 126 -20.75 -25.07 0.67
C GLN B 126 -21.73 -26.10 1.19
N ASP B 127 -22.96 -26.01 0.72
CA ASP B 127 -24.05 -26.87 1.19
C ASP B 127 -24.30 -26.69 2.69
N MET B 128 -23.72 -25.62 3.25
CA MET B 128 -23.75 -25.30 4.68
C MET B 128 -23.39 -26.52 5.54
N ARG B 129 -22.39 -27.27 5.09
CA ARG B 129 -21.92 -28.47 5.77
C ARG B 129 -21.61 -28.19 7.24
N CYS B 130 -21.01 -27.03 7.51
CA CYS B 130 -20.61 -26.66 8.87
C CYS B 130 -21.78 -26.75 9.86
N LEU B 131 -23.00 -26.58 9.38
CA LEU B 131 -24.16 -26.67 10.27
C LEU B 131 -24.29 -28.09 10.83
N PHE B 132 -23.86 -29.09 10.05
CA PHE B 132 -23.90 -30.48 10.50
C PHE B 132 -22.82 -30.74 11.54
N GLU B 133 -21.64 -30.21 11.24
CA GLU B 133 -20.48 -30.40 12.08
C GLU B 133 -20.65 -29.76 13.45
N VAL B 134 -21.12 -28.52 13.49
CA VAL B 134 -21.41 -27.88 14.77
C VAL B 134 -22.53 -28.62 15.52
N ALA B 135 -23.57 -29.02 14.79
CA ALA B 135 -24.67 -29.77 15.40
C ALA B 135 -24.17 -31.04 16.11
N ASN B 136 -23.37 -31.84 15.40
CA ASN B 136 -22.71 -32.99 15.99
C ASN B 136 -22.06 -32.68 17.33
N GLU B 137 -21.14 -31.71 17.32
CA GLU B 137 -20.35 -31.36 18.50
C GLU B 137 -21.22 -30.84 19.65
N GLN B 138 -22.19 -29.98 19.35
CA GLN B 138 -22.99 -29.43 20.43
C GLN B 138 -23.93 -30.50 20.96
N PHE B 139 -24.33 -31.42 20.09
CA PHE B 139 -25.19 -32.51 20.48
C PHE B 139 -24.48 -33.38 21.50
N ASN B 140 -23.33 -33.92 21.09
CA ASN B 140 -22.49 -34.75 21.93
C ASN B 140 -22.21 -34.17 23.31
N ASP B 141 -22.22 -32.85 23.40
CA ASP B 141 -21.79 -32.17 24.62
C ASP B 141 -22.97 -31.69 25.46
N THR B 142 -24.17 -31.65 24.86
CA THR B 142 -25.33 -31.18 25.61
C THR B 142 -25.84 -32.29 26.55
N PRO B 143 -25.92 -31.98 27.86
CA PRO B 143 -26.44 -32.88 28.87
C PRO B 143 -27.95 -33.02 28.79
N VAL B 144 -28.45 -34.24 28.88
CA VAL B 144 -29.88 -34.50 28.78
C VAL B 144 -30.18 -35.83 29.44
N PRO B 145 -31.26 -35.88 30.23
CA PRO B 145 -31.69 -37.14 30.83
C PRO B 145 -31.81 -38.22 29.76
N PRO B 146 -31.34 -39.44 30.05
CA PRO B 146 -31.33 -40.55 29.09
C PRO B 146 -32.72 -40.94 28.60
N GLN B 147 -33.75 -40.65 29.38
CA GLN B 147 -35.13 -40.94 28.97
C GLN B 147 -35.69 -39.85 28.06
N TYR B 148 -34.89 -38.81 27.81
CA TYR B 148 -35.27 -37.76 26.86
C TYR B 148 -34.24 -37.63 25.73
N MLY B 149 -33.13 -38.36 25.83
CA MLY B 149 -32.04 -38.30 24.86
CB MLY B 149 -30.94 -39.32 25.23
CG MLY B 149 -29.75 -39.35 24.27
CD MLY B 149 -28.76 -38.22 24.54
CE MLY B 149 -27.41 -38.49 23.89
NZ MLY B 149 -26.35 -37.45 24.18
CH1 MLY B 149 -25.05 -37.90 23.66
CH2 MLY B 149 -26.69 -36.14 23.58
C MLY B 149 -32.51 -38.59 23.43
O MLY B 149 -32.02 -38.01 22.46
N GLU B 150 -33.46 -39.51 23.33
CA GLU B 150 -34.04 -39.89 22.07
C GLU B 150 -34.84 -38.75 21.43
N LYS B 151 -35.65 -38.08 22.25
CA LYS B 151 -36.52 -36.98 21.83
C LYS B 151 -35.67 -35.81 21.40
N PHE B 152 -34.57 -35.59 22.14
CA PHE B 152 -33.60 -34.55 21.82
C PHE B 152 -32.95 -34.81 20.46
N MET B 153 -32.40 -36.01 20.28
CA MET B 153 -31.75 -36.38 19.03
C MET B 153 -32.69 -36.26 17.83
N VAL B 154 -33.90 -36.82 17.96
CA VAL B 154 -34.85 -36.80 16.86
C VAL B 154 -35.19 -35.37 16.42
N CYS B 155 -35.51 -34.52 17.40
CA CYS B 155 -35.92 -33.15 17.15
C CYS B 155 -34.75 -32.25 16.64
N LEU B 156 -33.54 -32.51 17.13
CA LEU B 156 -32.38 -31.76 16.70
C LEU B 156 -31.95 -32.10 15.27
N LYS B 157 -31.77 -33.40 14.99
CA LYS B 157 -31.36 -33.84 13.65
C LYS B 157 -32.27 -33.20 12.60
N GLN B 158 -33.57 -33.31 12.82
CA GLN B 158 -34.53 -32.75 11.88
C GLN B 158 -34.40 -31.23 11.69
N ILE B 159 -34.56 -30.48 12.77
CA ILE B 159 -34.66 -29.03 12.67
C ILE B 159 -33.35 -28.43 12.17
N VAL B 160 -32.23 -29.12 12.40
CA VAL B 160 -30.94 -28.68 11.85
C VAL B 160 -30.92 -28.94 10.34
N GLN B 161 -31.56 -30.02 9.92
CA GLN B 161 -31.67 -30.33 8.49
C GLN B 161 -32.51 -29.28 7.76
N TYR B 162 -33.58 -28.86 8.42
CA TYR B 162 -34.42 -27.76 7.96
C TYR B 162 -33.58 -26.49 7.79
N ALA B 163 -32.85 -26.14 8.84
CA ALA B 163 -31.97 -24.97 8.85
C ALA B 163 -31.00 -25.01 7.68
N VAL B 164 -30.46 -26.18 7.39
CA VAL B 164 -29.57 -26.33 6.24
C VAL B 164 -30.34 -26.08 4.94
N ASN B 165 -31.52 -26.70 4.81
CA ASN B 165 -32.34 -26.50 3.61
C ASN B 165 -32.83 -25.07 3.45
N SER B 166 -32.98 -24.35 4.57
CA SER B 166 -33.58 -23.02 4.54
C SER B 166 -32.54 -21.90 4.41
N SER B 167 -31.29 -22.27 4.12
CA SER B 167 -30.20 -21.31 4.15
C SER B 167 -29.55 -21.14 2.78
N SER B 168 -30.21 -21.62 1.73
CA SER B 168 -29.60 -21.66 0.39
C SER B 168 -29.32 -20.27 -0.17
N LYS B 169 -30.18 -19.31 0.14
CA LYS B 169 -29.97 -17.93 -0.34
C LYS B 169 -28.83 -17.27 0.43
N LEU B 170 -28.69 -17.64 1.71
CA LEU B 170 -27.56 -17.21 2.53
C LEU B 170 -26.27 -17.75 1.94
N GLU B 171 -26.24 -19.06 1.69
CA GLU B 171 -25.07 -19.70 1.11
C GLU B 171 -24.62 -19.03 -0.20
N LYS B 172 -25.51 -18.99 -1.18
CA LYS B 172 -25.17 -18.45 -2.50
C LYS B 172 -24.65 -17.01 -2.45
N PHE B 173 -25.05 -16.27 -1.44
CA PHE B 173 -24.60 -14.89 -1.28
C PHE B 173 -23.16 -14.86 -0.80
N VAL B 174 -22.83 -15.76 0.13
CA VAL B 174 -21.48 -15.86 0.67
C VAL B 174 -20.47 -16.21 -0.42
N MET B 175 -20.83 -17.19 -1.24
CA MET B 175 -20.01 -17.60 -2.37
C MET B 175 -19.79 -16.43 -3.34
N LEU B 176 -20.87 -15.73 -3.66
CA LEU B 176 -20.79 -14.55 -4.50
C LEU B 176 -19.83 -13.49 -3.94
N LYS B 177 -19.85 -13.28 -2.63
CA LYS B 177 -18.99 -12.27 -2.03
C LYS B 177 -17.52 -12.68 -2.08
N ILE B 178 -17.26 -13.98 -1.99
CA ILE B 178 -15.88 -14.48 -2.13
C ILE B 178 -15.46 -14.44 -3.61
N LYS B 179 -16.41 -14.72 -4.50
CA LYS B 179 -16.17 -14.60 -5.93
C LYS B 179 -15.81 -13.15 -6.31
N THR B 180 -16.64 -12.22 -5.85
CA THR B 180 -16.46 -10.80 -6.15
C THR B 180 -15.12 -10.33 -5.61
N LYS B 181 -14.73 -10.86 -4.46
CA LYS B 181 -13.48 -10.45 -3.82
C LYS B 181 -12.27 -10.99 -4.56
N LYS B 182 -12.41 -12.18 -5.17
CA LYS B 182 -11.36 -12.72 -6.02
C LYS B 182 -11.12 -11.85 -7.26
N ASP B 183 -12.20 -11.40 -7.87
CA ASP B 183 -12.11 -10.49 -9.00
C ASP B 183 -11.52 -9.14 -8.60
N ASP B 184 -11.86 -8.65 -7.41
CA ASP B 184 -11.38 -7.35 -6.98
C ASP B 184 -9.89 -7.38 -6.70
N ILE B 185 -9.35 -8.54 -6.36
CA ILE B 185 -7.92 -8.61 -6.07
C ILE B 185 -7.11 -8.51 -7.37
N LYS B 186 -7.53 -9.25 -8.38
CA LYS B 186 -6.84 -9.22 -9.67
C LYS B 186 -6.81 -7.82 -10.24
N ASP B 187 -7.89 -7.08 -10.00
CA ASP B 187 -8.05 -5.76 -10.61
C ASP B 187 -7.21 -4.71 -9.89
N ARG B 188 -7.21 -4.75 -8.56
CA ARG B 188 -6.43 -3.80 -7.79
C ARG B 188 -4.94 -4.00 -8.01
N VAL B 189 -4.47 -5.24 -7.92
CA VAL B 189 -3.03 -5.50 -8.10
C VAL B 189 -2.56 -5.21 -9.54
N THR B 190 -3.44 -5.38 -10.51
CA THR B 190 -3.01 -5.19 -11.87
C THR B 190 -2.97 -3.67 -12.19
N TYR B 191 -3.72 -2.90 -11.42
CA TYR B 191 -3.64 -1.46 -11.49
C TYR B 191 -2.27 -1.04 -10.98
N THR B 192 -1.96 -1.48 -9.75
CA THR B 192 -0.69 -1.16 -9.11
C THR B 192 0.50 -1.49 -10.01
N CYS B 193 0.39 -2.57 -10.77
CA CYS B 193 1.46 -3.00 -11.65
C CYS B 193 1.68 -2.03 -12.82
N MET B 194 0.60 -1.45 -13.32
CA MET B 194 0.67 -0.62 -14.51
C MET B 194 1.13 0.80 -14.19
N MLY B 195 0.42 1.45 -13.27
CA MLY B 195 0.84 2.68 -12.60
CB MLY B 195 0.07 2.83 -11.29
CG MLY B 195 0.65 3.82 -10.31
CD MLY B 195 -0.24 3.92 -9.08
CE MLY B 195 0.52 4.40 -7.84
NZ MLY B 195 -0.24 4.10 -6.57
CH1 MLY B 195 0.12 5.04 -5.50
CH2 MLY B 195 -1.70 4.16 -6.79
C MLY B 195 2.35 2.76 -12.33
O MLY B 195 2.96 3.81 -12.55
N TYR B 196 2.96 1.67 -11.87
CA TYR B 196 4.39 1.70 -11.59
C TYR B 196 5.21 1.34 -12.80
N LEU B 197 4.62 0.65 -13.77
CA LEU B 197 5.34 0.37 -15.01
C LEU B 197 5.59 1.69 -15.77
N LEU B 198 4.54 2.49 -15.90
CA LEU B 198 4.60 3.83 -16.51
C LEU B 198 5.72 4.69 -15.90
N MET B 199 5.70 4.86 -14.58
CA MET B 199 6.71 5.66 -13.89
C MET B 199 8.11 5.24 -14.27
N ALA B 200 8.34 3.95 -14.37
CA ALA B 200 9.65 3.46 -14.82
C ALA B 200 9.90 3.84 -16.29
N MET B 201 8.80 4.06 -17.03
CA MET B 201 8.86 4.38 -18.46
C MET B 201 8.81 5.90 -18.71
N GLN B 202 7.73 6.54 -18.26
CA GLN B 202 7.58 8.00 -18.31
C GLN B 202 8.80 8.71 -17.75
N GLY B 203 9.56 8.01 -16.92
CA GLY B 203 10.79 8.53 -16.38
C GLY B 203 12.03 7.83 -16.89
N THR B 204 12.05 7.50 -18.18
CA THR B 204 13.28 7.02 -18.80
C THR B 204 13.70 7.89 -19.99
N GLY B 205 14.98 7.83 -20.32
CA GLY B 205 15.51 8.55 -21.46
C GLY B 205 16.67 9.46 -21.09
N GLY B 206 16.49 10.75 -21.37
CA GLY B 206 17.54 11.73 -21.18
C GLY B 206 17.21 13.04 -21.85
N PRO B 207 17.94 14.10 -21.49
CA PRO B 207 17.63 15.46 -21.98
C PRO B 207 17.87 15.59 -23.48
N LYS B 208 17.20 16.55 -24.11
CA LYS B 208 17.36 16.77 -25.55
C LYS B 208 18.59 17.64 -25.85
N ALA B 209 18.75 18.70 -25.05
CA ALA B 209 19.90 19.59 -25.14
C ALA B 209 21.12 19.02 -24.43
N ILE B 210 22.17 18.72 -25.20
CA ILE B 210 23.38 18.18 -24.61
C ILE B 210 24.46 19.26 -24.52
N ASN B 211 25.05 19.44 -23.34
CA ASN B 211 26.02 20.50 -23.13
C ASN B 211 27.14 20.52 -24.17
N ASN B 212 27.86 19.41 -24.28
CA ASN B 212 29.00 19.33 -25.16
C ASN B 212 28.57 19.51 -26.61
N GLU B 213 27.40 19.00 -26.93
CA GLU B 213 26.85 19.17 -28.26
C GLU B 213 26.50 20.64 -28.54
N GLU B 214 26.14 21.35 -27.48
CA GLU B 214 25.74 22.72 -27.66
C GLU B 214 27.01 23.55 -27.80
N HIS B 215 28.00 23.21 -26.97
CA HIS B 215 29.31 23.84 -27.06
C HIS B 215 29.94 23.65 -28.42
N ALA B 216 29.86 22.42 -28.94
CA ALA B 216 30.41 22.11 -30.25
C ALA B 216 29.74 22.92 -31.33
N MLZ B 217 28.41 23.04 -31.24
CA MLZ B 217 27.63 23.72 -32.26
CB MLZ B 217 26.13 23.54 -32.01
CG MLZ B 217 25.55 22.52 -32.99
CD MLZ B 217 24.03 22.42 -32.94
CE MLZ B 217 23.55 21.42 -31.89
NZ MLZ B 217 22.25 20.83 -32.20
CM MLZ B 217 22.12 19.86 -33.27
C MLZ B 217 27.98 25.18 -32.26
O MLZ B 217 28.02 25.84 -33.33
N LEU B 218 28.28 25.72 -31.08
CA LEU B 218 28.65 27.12 -30.97
C LEU B 218 30.06 27.32 -31.58
N PHE B 219 31.00 26.49 -31.16
CA PHE B 219 32.34 26.43 -31.72
C PHE B 219 32.34 26.54 -33.23
N PHE B 220 31.59 25.65 -33.87
CA PHE B 220 31.51 25.62 -35.33
C PHE B 220 30.82 26.83 -35.92
N LYS B 221 29.93 27.43 -35.14
CA LYS B 221 29.20 28.62 -35.55
C LYS B 221 30.20 29.78 -35.66
N GLN B 222 31.18 29.79 -34.77
CA GLN B 222 32.10 30.89 -34.61
C GLN B 222 33.50 30.58 -35.15
N LEU B 223 33.69 29.43 -35.78
CA LEU B 223 35.04 29.02 -36.19
C LEU B 223 35.69 30.02 -37.15
N SER B 224 34.88 30.66 -37.99
CA SER B 224 35.43 31.58 -38.96
C SER B 224 35.84 32.93 -38.34
N ASN B 225 35.42 33.17 -37.10
CA ASN B 225 35.79 34.39 -36.42
C ASN B 225 37.00 34.24 -35.54
N TYR B 226 37.65 33.09 -35.57
CA TYR B 226 38.90 32.98 -34.88
C TYR B 226 39.97 33.54 -35.81
N ASP B 227 40.63 34.63 -35.42
CA ASP B 227 41.68 35.23 -36.24
C ASP B 227 42.87 34.30 -36.28
N ASP B 228 43.08 33.65 -35.15
CA ASP B 228 44.29 32.87 -34.96
C ASP B 228 43.90 31.42 -34.67
N LEU B 229 44.30 30.51 -35.56
CA LEU B 229 43.89 29.11 -35.50
C LEU B 229 44.29 28.42 -34.21
N THR B 230 45.35 28.91 -33.57
CA THR B 230 45.83 28.27 -32.35
C THR B 230 44.82 28.48 -31.21
N ASP B 231 44.14 29.62 -31.23
CA ASP B 231 43.03 29.87 -30.31
C ASP B 231 41.94 28.85 -30.53
N ALA B 232 41.54 28.70 -31.80
CA ALA B 232 40.53 27.72 -32.18
C ALA B 232 40.96 26.29 -31.82
N ASN B 233 42.21 25.98 -32.13
CA ASN B 233 42.74 24.65 -31.84
C ASN B 233 42.70 24.38 -30.36
N HIS B 234 43.06 25.39 -29.57
CA HIS B 234 43.10 25.28 -28.14
C HIS B 234 41.69 25.01 -27.60
N ASP B 235 40.74 25.85 -27.99
CA ASP B 235 39.36 25.66 -27.58
C ASP B 235 38.82 24.30 -27.98
N GLY B 236 39.16 23.85 -29.18
CA GLY B 236 38.75 22.54 -29.66
C GLY B 236 39.22 21.41 -28.77
N LEU B 237 40.45 21.51 -28.28
CA LEU B 237 41.02 20.49 -27.41
C LEU B 237 40.32 20.48 -26.04
N GLU B 238 39.90 21.66 -25.58
CA GLU B 238 39.13 21.76 -24.34
C GLU B 238 37.84 21.01 -24.52
N LEU B 239 37.21 21.24 -25.66
CA LEU B 239 35.97 20.59 -26.01
C LEU B 239 36.11 19.04 -26.01
N ILE B 240 37.25 18.57 -26.48
CA ILE B 240 37.54 17.15 -26.63
C ILE B 240 37.74 16.52 -25.27
N LYS B 241 38.45 17.21 -24.38
CA LYS B 241 38.60 16.75 -23.00
C LYS B 241 37.23 16.61 -22.32
N LYS B 242 36.36 17.60 -22.49
CA LYS B 242 35.04 17.57 -21.89
C LYS B 242 34.16 16.47 -22.48
N LEU B 243 34.25 16.30 -23.80
CA LEU B 243 33.55 15.19 -24.47
C LEU B 243 34.00 13.82 -23.94
N ASP B 244 35.26 13.73 -23.55
CA ASP B 244 35.82 12.49 -23.03
C ASP B 244 35.44 12.26 -21.57
N LYS B 245 35.31 13.34 -20.82
CA LYS B 245 34.86 13.28 -19.44
C LYS B 245 33.45 12.73 -19.45
N GLU B 246 32.65 13.20 -20.41
CA GLU B 246 31.28 12.73 -20.59
C GLU B 246 31.21 11.22 -20.81
N GLN B 247 32.01 10.73 -21.76
CA GLN B 247 32.02 9.33 -22.12
C GLN B 247 32.35 8.49 -20.89
N LYS B 248 33.11 9.06 -19.97
CA LYS B 248 33.53 8.36 -18.77
C LYS B 248 32.54 8.51 -17.60
N GLU B 249 31.34 9.02 -17.88
CA GLU B 249 30.35 9.21 -16.82
C GLU B 249 29.12 8.34 -17.08
N VAL B 250 29.26 7.42 -18.03
CA VAL B 250 28.16 6.56 -18.42
C VAL B 250 27.71 5.65 -17.28
N ALA B 251 28.66 5.12 -16.50
CA ALA B 251 28.34 4.27 -15.36
C ALA B 251 27.47 4.99 -14.33
N PHE B 252 27.87 6.21 -13.97
CA PHE B 252 27.14 7.03 -13.00
C PHE B 252 25.63 7.16 -13.31
N HIS B 253 25.29 7.31 -14.59
CA HIS B 253 23.90 7.48 -15.00
C HIS B 253 23.17 6.14 -15.08
N VAL B 254 23.94 5.08 -15.32
CA VAL B 254 23.42 3.72 -15.28
C VAL B 254 22.99 3.34 -13.85
N ASN B 255 23.92 3.50 -12.92
CA ASN B 255 23.68 3.21 -11.52
C ASN B 255 22.50 4.00 -10.94
N ASN B 256 22.51 5.30 -11.17
CA ASN B 256 21.42 6.17 -10.69
C ASN B 256 20.05 5.67 -11.13
N PHE B 257 19.94 5.26 -12.39
CA PHE B 257 18.67 4.76 -12.90
C PHE B 257 18.38 3.36 -12.34
N THR B 258 19.42 2.58 -12.06
CA THR B 258 19.22 1.30 -11.37
C THR B 258 18.62 1.53 -9.98
N HIS B 259 19.21 2.44 -9.22
CA HIS B 259 18.64 2.78 -7.92
C HIS B 259 17.18 3.18 -8.08
N LEU B 260 16.90 4.00 -9.09
CA LEU B 260 15.54 4.45 -9.34
C LEU B 260 14.59 3.29 -9.63
N VAL B 261 15.00 2.34 -10.46
CA VAL B 261 14.07 1.28 -10.87
C VAL B 261 13.80 0.36 -9.69
N THR B 262 14.85 0.03 -8.94
CA THR B 262 14.76 -0.79 -7.74
C THR B 262 13.74 -0.25 -6.75
N THR B 263 13.85 1.05 -6.45
CA THR B 263 12.90 1.74 -5.59
C THR B 263 11.48 1.64 -6.14
N LEU B 264 11.33 1.83 -7.46
CA LEU B 264 9.99 1.71 -8.06
C LEU B 264 9.47 0.28 -7.90
N GLY B 265 10.38 -0.69 -7.98
CA GLY B 265 10.07 -2.10 -7.87
C GLY B 265 9.57 -2.48 -6.49
N MET B 266 10.28 -2.03 -5.46
CA MET B 266 9.89 -2.27 -4.09
C MET B 266 8.53 -1.63 -3.75
N ALA B 267 8.37 -0.37 -4.07
CA ALA B 267 7.08 0.31 -3.87
C ALA B 267 5.98 -0.37 -4.69
N LEU B 268 6.37 -0.98 -5.82
CA LEU B 268 5.42 -1.79 -6.59
C LEU B 268 5.02 -3.04 -5.79
N TYR B 269 6.02 -3.74 -5.29
CA TYR B 269 5.78 -4.93 -4.51
C TYR B 269 4.97 -4.62 -3.26
N LYS B 270 5.40 -3.59 -2.53
CA LYS B 270 4.77 -3.27 -1.27
C LYS B 270 3.34 -2.85 -1.47
N GLU B 271 3.06 -2.16 -2.56
CA GLU B 271 1.67 -1.75 -2.78
C GLU B 271 0.77 -2.91 -3.23
N GLY B 272 1.29 -3.77 -4.12
CA GLY B 272 0.49 -4.87 -4.62
C GLY B 272 0.14 -5.81 -3.47
N HIS B 273 1.16 -6.11 -2.67
CA HIS B 273 1.03 -6.91 -1.46
C HIS B 273 0.03 -6.30 -0.48
N GLN B 274 0.23 -5.04 -0.09
CA GLN B 274 -0.67 -4.33 0.83
C GLN B 274 -2.12 -4.35 0.34
N LYS B 275 -2.32 -4.22 -0.96
CA LYS B 275 -3.68 -4.27 -1.52
C LYS B 275 -4.28 -5.67 -1.38
N ASN B 276 -3.46 -6.66 -1.67
CA ASN B 276 -3.82 -8.07 -1.53
C ASN B 276 -4.26 -8.39 -0.09
N ASP B 277 -3.40 -8.11 0.88
CA ASP B 277 -3.75 -8.34 2.28
C ASP B 277 -4.98 -7.56 2.80
N GLU B 278 -5.24 -6.36 2.27
CA GLU B 278 -6.39 -5.57 2.73
C GLU B 278 -7.73 -6.20 2.32
N ALA B 279 -7.73 -6.83 1.15
CA ALA B 279 -8.93 -7.50 0.64
C ALA B 279 -9.21 -8.78 1.41
N MET B 280 -8.15 -9.43 1.90
CA MET B 280 -8.32 -10.68 2.64
C MET B 280 -8.82 -10.40 4.03
N LEU B 281 -8.28 -9.34 4.64
CA LEU B 281 -8.67 -8.92 5.98
C LEU B 281 -10.10 -8.46 5.96
N GLY B 282 -10.50 -7.86 4.84
CA GLY B 282 -11.87 -7.44 4.64
C GLY B 282 -12.87 -8.59 4.69
N MET B 283 -12.42 -9.81 4.41
CA MET B 283 -13.29 -11.00 4.46
C MET B 283 -13.22 -11.68 5.83
N HIS B 284 -12.09 -11.52 6.50
CA HIS B 284 -11.76 -12.21 7.73
C HIS B 284 -12.85 -12.09 8.79
N THR B 285 -13.12 -10.85 9.21
CA THR B 285 -14.05 -10.61 10.29
C THR B 285 -15.50 -10.95 9.90
N PRO B 286 -15.95 -10.61 8.66
CA PRO B 286 -17.25 -11.17 8.24
C PRO B 286 -17.33 -12.70 8.39
N ILE B 287 -16.27 -13.40 8.02
CA ILE B 287 -16.30 -14.85 8.04
C ILE B 287 -16.27 -15.35 9.49
N THR B 288 -15.49 -14.66 10.32
CA THR B 288 -15.45 -14.93 11.74
C THR B 288 -16.83 -14.74 12.36
N MET B 289 -17.56 -13.72 11.96
CA MET B 289 -18.88 -13.55 12.56
C MET B 289 -19.90 -14.54 12.01
N LEU B 290 -19.81 -14.89 10.73
CA LEU B 290 -20.74 -15.85 10.16
C LEU B 290 -20.59 -17.25 10.79
N SER B 291 -19.35 -17.63 11.08
CA SER B 291 -19.07 -18.93 11.72
C SER B 291 -19.59 -18.94 13.15
N ASP B 292 -19.44 -17.81 13.85
CA ASP B 292 -20.01 -17.68 15.18
C ASP B 292 -21.52 -17.67 15.18
N GLN B 293 -22.09 -17.00 14.19
CA GLN B 293 -23.53 -16.95 14.06
C GLN B 293 -24.11 -18.35 13.83
N VAL B 294 -23.41 -19.18 13.04
CA VAL B 294 -23.81 -20.57 12.84
C VAL B 294 -23.81 -21.34 14.17
N ARG B 295 -22.76 -21.15 14.98
CA ARG B 295 -22.63 -21.86 16.22
C ARG B 295 -23.70 -21.43 17.21
N VAL B 296 -24.09 -20.16 17.15
CA VAL B 296 -25.05 -19.65 18.13
C VAL B 296 -26.45 -20.09 17.75
N LEU B 297 -26.74 -20.08 16.44
CA LEU B 297 -27.96 -20.69 15.93
C LEU B 297 -28.21 -22.10 16.48
N ILE B 298 -27.18 -22.95 16.43
CA ILE B 298 -27.24 -24.32 16.92
C ILE B 298 -27.55 -24.38 18.41
N LEU B 299 -26.81 -23.60 19.19
CA LEU B 299 -27.02 -23.52 20.63
C LEU B 299 -28.46 -23.05 20.94
N TYR B 300 -28.91 -22.06 20.17
CA TYR B 300 -30.28 -21.58 20.28
C TYR B 300 -31.30 -22.68 19.97
N LEU B 301 -31.01 -23.53 18.98
CA LEU B 301 -31.93 -24.62 18.63
C LEU B 301 -31.94 -25.66 19.73
N ILE B 302 -30.77 -25.98 20.28
CA ILE B 302 -30.66 -26.89 21.42
C ILE B 302 -31.55 -26.38 22.55
N ASP B 303 -31.39 -25.10 22.89
CA ASP B 303 -32.07 -24.49 24.03
C ASP B 303 -33.60 -24.54 23.88
N GLU B 304 -34.11 -24.09 22.74
CA GLU B 304 -35.52 -24.23 22.38
C GLU B 304 -36.09 -25.62 22.62
N ILE B 305 -35.43 -26.62 22.02
CA ILE B 305 -35.87 -28.00 22.11
C ILE B 305 -35.92 -28.46 23.57
N VAL B 306 -34.87 -28.16 24.32
CA VAL B 306 -34.83 -28.57 25.72
C VAL B 306 -35.90 -27.87 26.55
N HIS B 307 -36.15 -26.59 26.26
CA HIS B 307 -37.16 -25.86 27.00
C HIS B 307 -38.54 -26.44 26.71
N ALA B 308 -38.74 -26.81 25.45
CA ALA B 308 -40.03 -27.34 25.01
C ALA B 308 -40.21 -28.80 25.39
N ILE B 309 -39.13 -29.48 25.75
CA ILE B 309 -39.22 -30.87 26.18
C ILE B 309 -39.36 -30.99 27.69
N HIS B 310 -38.44 -30.34 28.41
CA HIS B 310 -38.40 -30.35 29.88
C HIS B 310 -39.72 -29.87 30.48
N THR B 311 -40.31 -28.86 29.87
CA THR B 311 -41.64 -28.37 30.24
C THR B 311 -42.50 -28.18 28.99
N ASN B 312 -43.70 -28.75 29.00
CA ASN B 312 -44.65 -28.63 27.88
C ASN B 312 -44.06 -29.13 26.56
N ASN B 314 -46.22 -31.70 27.19
CA ASN B 314 -47.29 -32.53 26.64
C ASN B 314 -47.54 -32.27 25.15
N GLN B 315 -46.46 -32.01 24.41
CA GLN B 315 -46.55 -31.86 22.95
C GLN B 315 -45.73 -32.94 22.24
N SER B 316 -46.06 -33.17 20.97
CA SER B 316 -45.31 -34.13 20.13
C SER B 316 -44.10 -33.49 19.47
N ASN B 317 -43.23 -34.33 18.92
CA ASN B 317 -42.06 -33.88 18.18
C ASN B 317 -42.42 -33.00 16.99
N ASP B 318 -43.48 -33.39 16.28
CA ASP B 318 -43.93 -32.65 15.11
C ASP B 318 -44.40 -31.25 15.47
N GLU B 319 -45.31 -31.17 16.45
CA GLU B 319 -45.74 -29.91 17.04
C GLU B 319 -44.53 -29.04 17.40
N LEU B 320 -43.64 -29.57 18.25
CA LEU B 320 -42.42 -28.87 18.67
C LEU B 320 -41.59 -28.36 17.47
N ILE B 321 -41.31 -29.27 16.53
CA ILE B 321 -40.48 -29.00 15.34
C ILE B 321 -41.13 -28.01 14.37
N ASP B 322 -42.42 -28.20 14.13
CA ASP B 322 -43.24 -27.29 13.33
C ASP B 322 -43.11 -25.87 13.90
N GLY B 323 -43.25 -25.76 15.22
CA GLY B 323 -43.10 -24.49 15.90
C GLY B 323 -41.74 -23.82 15.72
N LEU B 324 -40.69 -24.61 15.50
CA LEU B 324 -39.33 -24.07 15.42
C LEU B 324 -38.95 -23.53 14.05
N MLY B 325 -39.65 -23.99 13.01
CA MLY B 325 -39.33 -23.64 11.63
CB MLY B 325 -40.17 -24.47 10.63
CG MLY B 325 -39.87 -25.97 10.68
CD MLY B 325 -40.77 -26.77 9.76
CE MLY B 325 -40.32 -28.23 9.68
NZ MLY B 325 -41.06 -29.08 8.71
CH1 MLY B 325 -42.29 -29.63 9.33
CH2 MLY B 325 -41.40 -28.30 7.49
C MLY B 325 -39.41 -22.14 11.32
O MLY B 325 -38.48 -21.59 10.74
N PRO B 326 -40.52 -21.48 11.72
CA PRO B 326 -40.54 -20.02 11.57
C PRO B 326 -39.40 -19.29 12.30
N LYS B 327 -39.04 -19.76 13.51
CA LYS B 327 -37.95 -19.16 14.27
C LYS B 327 -36.61 -19.32 13.56
N VAL B 328 -36.39 -20.51 13.00
CA VAL B 328 -35.18 -20.80 12.21
C VAL B 328 -34.99 -19.81 11.07
N ARG B 329 -36.02 -19.67 10.24
CA ARG B 329 -35.96 -18.86 9.05
C ARG B 329 -35.76 -17.40 9.41
N ILE B 330 -36.45 -16.94 10.45
CA ILE B 330 -36.22 -15.61 11.02
C ILE B 330 -34.74 -15.34 11.36
N VAL B 331 -34.10 -16.33 11.98
CA VAL B 331 -32.72 -16.19 12.42
C VAL B 331 -31.78 -16.18 11.23
N ILE B 332 -32.00 -17.12 10.31
CA ILE B 332 -31.15 -17.22 9.13
C ILE B 332 -31.28 -15.98 8.24
N ASN B 333 -32.51 -15.50 8.10
CA ASN B 333 -32.80 -14.26 7.40
C ASN B 333 -32.09 -13.09 8.06
N GLU B 334 -32.14 -13.06 9.39
CA GLU B 334 -31.44 -12.05 10.14
C GLU B 334 -29.96 -12.02 9.78
N PHE B 335 -29.31 -13.19 9.77
CA PHE B 335 -27.90 -13.28 9.39
C PHE B 335 -27.69 -12.78 7.97
N HIS B 336 -28.57 -13.23 7.07
CA HIS B 336 -28.48 -12.90 5.67
C HIS B 336 -28.59 -11.38 5.47
N ALA B 337 -29.56 -10.77 6.15
CA ALA B 337 -29.87 -9.36 6.03
C ALA B 337 -28.74 -8.47 6.52
N THR B 338 -28.15 -8.84 7.66
CA THR B 338 -27.06 -8.06 8.23
C THR B 338 -25.80 -8.23 7.36
N LEU B 339 -25.62 -9.46 6.88
CA LEU B 339 -24.48 -9.78 6.03
C LEU B 339 -24.51 -8.94 4.74
N MET B 340 -25.71 -8.66 4.23
CA MET B 340 -25.82 -7.82 3.04
C MET B 340 -25.51 -6.36 3.37
N MET B 341 -26.06 -5.86 4.47
CA MET B 341 -25.78 -4.50 4.92
C MET B 341 -24.29 -4.23 5.11
N GLY B 342 -23.52 -5.28 5.38
CA GLY B 342 -22.09 -5.16 5.55
C GLY B 342 -21.64 -5.29 7.00
N ILE B 343 -20.32 -5.19 7.19
CA ILE B 343 -19.68 -5.46 8.48
C ILE B 343 -20.08 -4.50 9.62
N ASP B 344 -20.43 -3.26 9.27
CA ASP B 344 -20.87 -2.31 10.28
C ASP B 344 -22.18 -2.73 10.91
N LYS B 345 -22.99 -3.52 10.20
CA LYS B 345 -24.28 -3.99 10.71
C LYS B 345 -24.25 -5.45 11.12
N MET B 346 -23.05 -6.03 11.19
CA MET B 346 -22.88 -7.41 11.60
C MET B 346 -22.40 -7.53 13.04
N LYS B 347 -22.82 -8.58 13.74
CA LYS B 347 -22.45 -8.71 15.15
C LYS B 347 -22.36 -10.17 15.67
N PHE B 348 -21.67 -10.32 16.80
CA PHE B 348 -21.70 -11.56 17.58
C PHE B 348 -22.95 -11.58 18.41
N TYR B 349 -23.56 -12.75 18.55
CA TYR B 349 -24.82 -12.88 19.27
C TYR B 349 -24.77 -13.68 20.57
N SER B 350 -25.59 -13.24 21.53
CA SER B 350 -25.92 -14.04 22.70
C SER B 350 -27.14 -14.85 22.34
N LEU B 351 -27.38 -15.95 23.04
CA LEU B 351 -28.54 -16.77 22.78
C LEU B 351 -29.82 -15.97 22.93
N ASN B 352 -29.81 -15.01 23.85
CA ASN B 352 -31.02 -14.25 24.13
C ASN B 352 -31.27 -13.14 23.13
N GLU B 353 -30.24 -12.71 22.40
CA GLU B 353 -30.46 -11.74 21.32
C GLU B 353 -31.13 -12.44 20.13
N LEU B 354 -30.95 -13.75 20.01
CA LEU B 354 -31.67 -14.47 18.97
C LEU B 354 -33.13 -14.55 19.34
N ARG B 355 -33.41 -14.85 20.61
CA ARG B 355 -34.78 -14.86 21.10
C ARG B 355 -35.43 -13.50 20.86
N GLU B 356 -34.79 -12.45 21.38
CA GLU B 356 -35.17 -11.06 21.13
C GLU B 356 -35.63 -10.85 19.69
N ILE B 357 -34.75 -11.16 18.74
CA ILE B 357 -35.02 -11.02 17.30
C ILE B 357 -36.20 -11.89 16.83
N VAL B 358 -36.16 -13.17 17.19
CA VAL B 358 -37.20 -14.11 16.79
C VAL B 358 -38.57 -13.66 17.29
N ASN B 359 -38.61 -13.17 18.53
CA ASN B 359 -39.84 -12.67 19.12
C ASN B 359 -40.35 -11.42 18.38
N ASP B 360 -39.44 -10.49 18.11
CA ASP B 360 -39.78 -9.20 17.51
C ASP B 360 -40.40 -9.31 16.11
N LYS B 361 -39.99 -10.32 15.35
CA LYS B 361 -40.41 -10.44 13.96
C LYS B 361 -41.80 -11.07 13.82
N ILE B 362 -42.05 -12.14 14.57
CA ILE B 362 -43.35 -12.82 14.53
C ILE B 362 -44.53 -11.85 14.59
N ASN B 363 -44.39 -10.86 15.45
CA ASN B 363 -45.43 -9.84 15.68
C ASN B 363 -45.24 -8.59 14.83
C TRS C . -18.79 -3.72 18.12
C1 TRS C . -18.48 -5.21 18.34
C2 TRS C . -20.23 -3.54 17.65
C3 TRS C . -17.81 -3.14 17.10
N TRS C . -18.62 -3.04 19.40
O1 TRS C . -18.07 -5.81 17.13
O2 TRS C . -20.54 -4.50 16.66
O3 TRS C . -17.70 -1.74 17.24
C1 EDO D . 0.62 -11.80 4.55
O1 EDO D . 0.52 -11.99 3.13
C2 EDO D . 2.08 -11.96 4.96
O2 EDO D . 2.88 -11.35 3.94
C1 EDO E . 15.88 0.30 -34.80
O1 EDO E . 14.61 0.77 -35.26
C2 EDO E . 15.73 -1.10 -34.21
O2 EDO E . 17.02 -1.52 -33.76
#